data_7E24
#
_entry.id   7E24
#
_cell.length_a   71.332
_cell.length_b   68.664
_cell.length_c   114.675
_cell.angle_alpha   90.000
_cell.angle_beta   90.000
_cell.angle_gamma   90.000
#
_symmetry.space_group_name_H-M   'P 1 21 1'
#
loop_
_entity.id
_entity.type
_entity.pdbx_description
1 polymer Oxidoreductase
2 non-polymer 'NADP NICOTINAMIDE-ADENINE-DINUCLEOTIDE PHOSPHATE'
3 water water
#
_entity_poly.entity_id   1
_entity_poly.type   'polypeptide(L)'
_entity_poly.pdbx_seq_one_letter_code
;HHHKYTVITGASSGIGYETAKLLAGKGKSLVLVARRTSELEKLRDEVKQISPDSDVILKSVDLADNQNVHDLYEGLKELD
IETLINNAGVGDFDLVQDIELGKIEKMLRLNIEALTILSSLFARDHHDIEGTTLVNISSLGGYMIVPNAVTYCATKFYVS
AYTEGLAQELQKGGAKLRAKVLAPAATETEFVDRARGEAGFDFSKAVKKYHTAAEMAGFLHQLIESDAIVGIVDGETYEF
ELRGPLFNYAG
;
_entity_poly.pdbx_strand_id   A,B,C,D
#
loop_
_chem_comp.id
_chem_comp.type
_chem_comp.name
_chem_comp.formula
NAP non-polymer 'NADP NICOTINAMIDE-ADENINE-DINUCLEOTIDE PHOSPHATE' 'C21 H28 N7 O17 P3'
#
# COMPACT_ATOMS: atom_id res chain seq x y z
N LYS A 4 -10.85 -20.73 -12.70
CA LYS A 4 -9.74 -19.81 -12.44
C LYS A 4 -8.58 -20.49 -11.71
N TYR A 5 -7.37 -20.36 -12.23
CA TYR A 5 -6.25 -21.14 -11.72
C TYR A 5 -5.19 -20.23 -11.11
N THR A 6 -4.40 -20.82 -10.22
CA THR A 6 -3.19 -20.23 -9.70
C THR A 6 -2.02 -21.14 -10.08
N VAL A 7 -1.06 -20.61 -10.83
CA VAL A 7 0.09 -21.38 -11.26
C VAL A 7 1.21 -21.16 -10.25
N ILE A 8 1.76 -22.25 -9.71
CA ILE A 8 2.83 -22.20 -8.70
C ILE A 8 3.99 -23.02 -9.22
N THR A 9 5.07 -22.37 -9.66
CA THR A 9 6.24 -23.15 -10.02
C THR A 9 6.99 -23.50 -8.74
N GLY A 10 7.74 -24.59 -8.79
CA GLY A 10 8.43 -25.05 -7.59
C GLY A 10 7.44 -25.46 -6.52
N ALA A 11 6.44 -26.25 -6.90
CA ALA A 11 5.37 -26.64 -6.01
C ALA A 11 5.62 -27.98 -5.32
N SER A 12 6.71 -28.64 -5.63
CA SER A 12 6.96 -29.94 -5.07
C SER A 12 7.41 -29.90 -3.61
N SER A 13 7.74 -28.72 -3.08
CA SER A 13 8.43 -28.67 -1.79
C SER A 13 8.51 -27.22 -1.31
N GLY A 14 8.64 -27.09 0.00
CA GLY A 14 8.95 -25.77 0.57
C GLY A 14 7.82 -24.81 0.41
N ILE A 15 8.16 -23.58 0.02
CA ILE A 15 7.19 -22.48 0.01
C ILE A 15 6.08 -22.76 -0.98
N GLY A 16 6.43 -23.15 -2.21
CA GLY A 16 5.41 -23.44 -3.19
C GLY A 16 4.46 -24.52 -2.74
N TYR A 17 5.00 -25.56 -2.09
CA TYR A 17 4.16 -26.67 -1.66
C TYR A 17 3.10 -26.20 -0.67
N GLU A 18 3.52 -25.45 0.35
CA GLU A 18 2.60 -25.03 1.41
C GLU A 18 1.66 -23.96 0.92
N THR A 19 2.12 -23.14 -0.04
CA THR A 19 1.23 -22.18 -0.68
C THR A 19 0.11 -22.91 -1.41
N ALA A 20 0.47 -23.97 -2.15
CA ALA A 20 -0.54 -24.80 -2.80
C ALA A 20 -1.59 -25.28 -1.79
N LYS A 21 -1.15 -25.76 -0.63
CA LYS A 21 -2.10 -26.30 0.32
C LYS A 21 -2.97 -25.20 0.92
N LEU A 22 -2.37 -24.02 1.19
CA LEU A 22 -3.14 -22.89 1.73
C LEU A 22 -4.16 -22.41 0.73
N LEU A 23 -3.80 -22.41 -0.55
CA LEU A 23 -4.74 -21.94 -1.56
C LEU A 23 -5.83 -22.98 -1.83
N ALA A 24 -5.51 -24.26 -1.65
CA ALA A 24 -6.55 -25.28 -1.69
C ALA A 24 -7.61 -25.02 -0.64
N GLY A 25 -7.19 -24.68 0.58
CA GLY A 25 -8.14 -24.36 1.63
C GLY A 25 -9.04 -23.17 1.33
N LYS A 26 -8.63 -22.31 0.41
CA LYS A 26 -9.45 -21.23 -0.08
C LYS A 26 -10.33 -21.64 -1.26
N GLY A 27 -10.25 -22.91 -1.68
CA GLY A 27 -11.05 -23.33 -2.81
C GLY A 27 -10.48 -22.98 -4.15
N LYS A 28 -9.21 -22.62 -4.23
CA LYS A 28 -8.56 -22.26 -5.49
C LYS A 28 -8.20 -23.51 -6.28
N SER A 29 -8.24 -23.39 -7.60
CA SER A 29 -7.73 -24.43 -8.47
C SER A 29 -6.29 -24.10 -8.89
N LEU A 30 -5.47 -25.15 -8.99
CA LEU A 30 -4.03 -24.97 -9.08
C LEU A 30 -3.47 -25.60 -10.34
N VAL A 31 -2.43 -24.95 -10.89
CA VAL A 31 -1.48 -25.56 -11.81
C VAL A 31 -0.15 -25.61 -11.07
N LEU A 32 0.35 -26.83 -10.81
CA LEU A 32 1.51 -27.00 -9.96
C LEU A 32 2.67 -27.56 -10.78
N VAL A 33 3.78 -26.83 -10.81
CA VAL A 33 4.88 -27.11 -11.71
C VAL A 33 6.12 -27.45 -10.92
N ALA A 34 6.74 -28.57 -11.24
CA ALA A 34 8.05 -28.89 -10.71
C ALA A 34 8.55 -30.10 -11.48
N ARG A 35 9.68 -30.65 -11.03
CA ARG A 35 10.25 -31.76 -11.75
C ARG A 35 9.86 -33.09 -11.14
N ARG A 36 9.73 -33.14 -9.82
CA ARG A 36 9.41 -34.38 -9.13
C ARG A 36 7.92 -34.62 -9.26
N THR A 37 7.53 -35.48 -10.21
CA THR A 37 6.12 -35.80 -10.36
C THR A 37 5.57 -36.48 -9.11
N SER A 38 6.41 -37.30 -8.45
CA SER A 38 5.95 -38.12 -7.33
C SER A 38 5.37 -37.25 -6.25
N GLU A 39 6.12 -36.23 -5.85
CA GLU A 39 5.69 -35.28 -4.82
C GLU A 39 4.53 -34.43 -5.30
N LEU A 40 4.51 -34.05 -6.59
CA LEU A 40 3.35 -33.31 -7.09
C LEU A 40 2.08 -34.15 -6.96
N GLU A 41 2.18 -35.47 -7.17
CA GLU A 41 0.99 -36.31 -7.09
C GLU A 41 0.53 -36.47 -5.65
N LYS A 42 1.47 -36.64 -4.71
CA LYS A 42 1.08 -36.74 -3.30
C LYS A 42 0.50 -35.44 -2.79
N LEU A 43 0.95 -34.32 -3.33
CA LEU A 43 0.34 -33.04 -2.98
C LEU A 43 -1.05 -32.91 -3.60
N ARG A 44 -1.23 -33.37 -4.82
CA ARG A 44 -2.57 -33.31 -5.37
C ARG A 44 -3.54 -34.12 -4.52
N ASP A 45 -3.08 -35.25 -3.98
CA ASP A 45 -3.96 -36.04 -3.11
C ASP A 45 -4.33 -35.26 -1.86
N GLU A 46 -3.37 -34.55 -1.26
CA GLU A 46 -3.70 -33.69 -0.13
C GLU A 46 -4.67 -32.60 -0.55
N VAL A 47 -4.47 -32.04 -1.75
CA VAL A 47 -5.30 -30.92 -2.14
C VAL A 47 -6.75 -31.36 -2.36
N LYS A 48 -6.97 -32.61 -2.82
CA LYS A 48 -8.34 -33.03 -3.06
C LYS A 48 -9.07 -33.31 -1.76
N GLN A 49 -8.37 -33.80 -0.72
CA GLN A 49 -9.04 -34.01 0.54
C GLN A 49 -9.26 -32.69 1.28
N ILE A 50 -8.38 -31.71 1.07
CA ILE A 50 -8.62 -30.39 1.64
C ILE A 50 -9.82 -29.72 0.95
N SER A 51 -9.86 -29.83 -0.37
CA SER A 51 -10.82 -29.09 -1.19
C SER A 51 -11.26 -29.94 -2.37
N PRO A 52 -12.34 -30.73 -2.21
CA PRO A 52 -12.76 -31.65 -3.29
C PRO A 52 -12.97 -31.02 -4.65
N ASP A 53 -13.56 -29.84 -4.72
CA ASP A 53 -13.91 -29.22 -5.99
C ASP A 53 -12.77 -28.44 -6.62
N SER A 54 -11.61 -28.32 -5.96
CA SER A 54 -10.44 -27.76 -6.62
C SER A 54 -10.04 -28.66 -7.79
N ASP A 55 -9.76 -28.04 -8.93
CA ASP A 55 -9.04 -28.71 -10.00
C ASP A 55 -7.54 -28.51 -9.83
N VAL A 56 -6.78 -29.59 -10.05
CA VAL A 56 -5.33 -29.56 -9.87
C VAL A 56 -4.69 -30.16 -11.09
N ILE A 57 -4.00 -29.35 -11.87
CA ILE A 57 -3.25 -29.81 -13.01
C ILE A 57 -1.78 -29.88 -12.61
N LEU A 58 -1.11 -30.98 -12.95
CA LEU A 58 0.31 -31.12 -12.67
C LEU A 58 1.09 -31.00 -13.96
N LYS A 59 2.31 -30.48 -13.87
CA LYS A 59 3.19 -30.35 -15.03
C LYS A 59 4.62 -30.67 -14.58
N SER A 60 5.11 -31.85 -14.95
CA SER A 60 6.50 -32.21 -14.63
C SER A 60 7.40 -31.57 -15.68
N VAL A 61 8.12 -30.51 -15.29
CA VAL A 61 8.82 -29.62 -16.22
C VAL A 61 10.11 -29.15 -15.58
N ASP A 62 11.24 -29.34 -16.25
CA ASP A 62 12.50 -28.70 -15.87
C ASP A 62 12.49 -27.31 -16.47
N LEU A 63 12.37 -26.29 -15.62
CA LEU A 63 12.27 -24.90 -16.09
C LEU A 63 13.62 -24.25 -16.34
N ALA A 64 14.72 -24.96 -16.10
CA ALA A 64 16.05 -24.47 -16.43
C ALA A 64 16.35 -24.53 -17.92
N ASP A 65 15.39 -24.93 -18.73
CA ASP A 65 15.49 -24.91 -20.19
C ASP A 65 14.47 -23.91 -20.72
N ASN A 66 14.94 -22.92 -21.48
CA ASN A 66 14.07 -21.83 -21.90
C ASN A 66 12.90 -22.32 -22.73
N GLN A 67 13.18 -23.22 -23.68
CA GLN A 67 12.13 -23.80 -24.51
C GLN A 67 11.07 -24.46 -23.64
N ASN A 68 11.50 -25.18 -22.59
CA ASN A 68 10.55 -25.86 -21.71
C ASN A 68 9.57 -24.87 -21.12
N VAL A 69 10.07 -23.70 -20.71
CA VAL A 69 9.25 -22.67 -20.07
C VAL A 69 8.22 -22.10 -21.04
N HIS A 70 8.65 -21.77 -22.26
CA HIS A 70 7.72 -21.42 -23.33
C HIS A 70 6.64 -22.49 -23.49
N ASP A 71 7.06 -23.77 -23.59
CA ASP A 71 6.10 -24.85 -23.79
C ASP A 71 5.11 -24.90 -22.63
N LEU A 72 5.60 -24.85 -21.39
CA LEU A 72 4.71 -24.79 -20.22
C LEU A 72 3.61 -23.76 -20.41
N TYR A 73 3.97 -22.55 -20.78
CA TYR A 73 3.01 -21.45 -20.78
C TYR A 73 1.99 -21.60 -21.91
N GLU A 74 2.45 -21.95 -23.13
CA GLU A 74 1.55 -22.06 -24.28
C GLU A 74 0.58 -23.21 -24.08
N GLY A 75 0.98 -24.21 -23.30
CA GLY A 75 0.12 -25.30 -22.86
C GLY A 75 -0.93 -24.92 -21.83
N LEU A 76 -0.83 -23.73 -21.25
CA LEU A 76 -1.88 -23.21 -20.38
C LEU A 76 -2.71 -22.13 -21.07
N LYS A 77 -2.50 -21.93 -22.36
CA LYS A 77 -3.26 -20.95 -23.13
C LYS A 77 -4.78 -21.11 -23.03
N GLU A 78 -5.29 -22.33 -22.88
CA GLU A 78 -6.73 -22.53 -22.79
C GLU A 78 -7.23 -22.54 -21.34
N LEU A 79 -6.40 -22.08 -20.39
CA LEU A 79 -6.78 -21.93 -18.99
C LEU A 79 -6.93 -20.46 -18.61
N ASP A 80 -7.86 -20.19 -17.69
CA ASP A 80 -8.07 -18.86 -17.14
C ASP A 80 -7.21 -18.77 -15.89
N ILE A 81 -6.06 -18.12 -16.00
CA ILE A 81 -5.10 -18.03 -14.91
C ILE A 81 -5.25 -16.67 -14.26
N GLU A 82 -5.58 -16.66 -12.96
CA GLU A 82 -5.67 -15.40 -12.27
C GLU A 82 -4.35 -15.02 -11.59
N THR A 83 -3.61 -15.99 -11.08
CA THR A 83 -2.35 -15.75 -10.41
C THR A 83 -1.29 -16.67 -11.01
N LEU A 84 -0.08 -16.13 -11.24
CA LEU A 84 1.12 -16.89 -11.56
C LEU A 84 2.17 -16.57 -10.51
N ILE A 85 2.79 -17.61 -9.97
CA ILE A 85 3.73 -17.45 -8.86
C ILE A 85 5.05 -18.07 -9.30
N ASN A 86 6.04 -17.21 -9.54
CA ASN A 86 7.38 -17.64 -9.95
C ASN A 86 8.20 -17.92 -8.70
N ASN A 87 7.97 -19.11 -8.13
CA ASN A 87 8.59 -19.55 -6.87
C ASN A 87 9.78 -20.48 -7.08
N ALA A 88 9.87 -21.22 -8.19
CA ALA A 88 10.96 -22.18 -8.33
C ALA A 88 12.30 -21.47 -8.43
N GLY A 89 13.29 -22.00 -7.75
CA GLY A 89 14.58 -21.36 -7.67
C GLY A 89 15.50 -22.21 -6.83
N VAL A 90 16.81 -21.99 -7.01
CA VAL A 90 17.82 -22.77 -6.28
C VAL A 90 18.89 -21.82 -5.76
N GLY A 91 19.70 -22.35 -4.85
CA GLY A 91 20.77 -21.58 -4.23
C GLY A 91 22.12 -22.24 -4.37
N ASP A 92 23.16 -21.54 -3.92
CA ASP A 92 24.49 -22.12 -3.92
C ASP A 92 25.31 -21.37 -2.89
N PHE A 93 26.10 -22.10 -2.11
CA PHE A 93 27.04 -21.55 -1.16
C PHE A 93 28.44 -21.98 -1.57
N ASP A 94 29.27 -21.00 -1.95
CA ASP A 94 30.63 -21.23 -2.40
C ASP A 94 31.23 -19.90 -2.79
N LEU A 95 32.53 -19.75 -2.64
CA LEU A 95 33.21 -18.60 -3.20
C LEU A 95 33.04 -18.65 -4.69
N VAL A 96 33.10 -17.49 -5.36
CA VAL A 96 32.97 -17.51 -6.81
C VAL A 96 34.11 -18.32 -7.43
N GLN A 97 35.30 -18.26 -6.81
CA GLN A 97 36.45 -18.97 -7.34
C GLN A 97 36.28 -20.47 -7.27
N ASP A 98 35.28 -20.97 -6.55
CA ASP A 98 35.10 -22.40 -6.36
C ASP A 98 33.85 -22.93 -7.05
N ILE A 99 33.06 -22.09 -7.72
CA ILE A 99 31.74 -22.54 -8.17
C ILE A 99 31.86 -23.59 -9.27
N GLU A 100 30.80 -24.36 -9.41
CA GLU A 100 30.62 -25.29 -10.49
C GLU A 100 29.77 -24.56 -11.53
N LEU A 101 30.37 -24.20 -12.65
CA LEU A 101 29.66 -23.35 -13.60
C LEU A 101 28.41 -24.04 -14.14
N GLY A 102 28.45 -25.35 -14.33
CA GLY A 102 27.26 -26.03 -14.83
C GLY A 102 26.07 -25.83 -13.92
N LYS A 103 26.31 -25.93 -12.61
CA LYS A 103 25.23 -25.71 -11.65
C LYS A 103 24.83 -24.24 -11.63
N ILE A 104 25.80 -23.34 -11.64
CA ILE A 104 25.52 -21.90 -11.55
C ILE A 104 24.80 -21.44 -12.81
N GLU A 105 25.27 -21.88 -14.00
CA GLU A 105 24.58 -21.58 -15.23
C GLU A 105 23.14 -22.04 -15.17
N LYS A 106 22.91 -23.26 -14.66
CA LYS A 106 21.54 -23.75 -14.50
C LYS A 106 20.78 -22.86 -13.54
N MET A 107 21.42 -22.45 -12.44
CA MET A 107 20.77 -21.52 -11.52
C MET A 107 20.30 -20.26 -12.24
N LEU A 108 21.14 -19.68 -13.09
CA LEU A 108 20.71 -18.48 -13.81
C LEU A 108 19.52 -18.76 -14.70
N ARG A 109 19.51 -19.92 -15.37
CA ARG A 109 18.42 -20.22 -16.30
C ARG A 109 17.11 -20.42 -15.56
N LEU A 110 17.17 -20.94 -14.33
CA LEU A 110 15.97 -21.08 -13.51
C LEU A 110 15.62 -19.79 -12.78
N ASN A 111 16.56 -19.24 -11.97
CA ASN A 111 16.19 -18.14 -11.10
C ASN A 111 15.80 -16.90 -11.88
N ILE A 112 16.44 -16.68 -13.03
CA ILE A 112 16.32 -15.43 -13.76
C ILE A 112 15.48 -15.61 -15.02
N GLU A 113 15.85 -16.56 -15.85
CA GLU A 113 15.24 -16.65 -17.16
C GLU A 113 13.83 -17.19 -17.09
N ALA A 114 13.66 -18.38 -16.52
CA ALA A 114 12.32 -18.93 -16.39
C ALA A 114 11.38 -17.90 -15.82
N LEU A 115 11.79 -17.26 -14.73
CA LEU A 115 10.96 -16.23 -14.10
C LEU A 115 10.69 -15.09 -15.05
N THR A 116 11.69 -14.72 -15.85
CA THR A 116 11.51 -13.59 -16.75
C THR A 116 10.62 -13.98 -17.92
N ILE A 117 10.76 -15.21 -18.42
CA ILE A 117 9.90 -15.63 -19.51
C ILE A 117 8.45 -15.67 -19.04
N LEU A 118 8.20 -16.31 -17.89
CA LEU A 118 6.82 -16.46 -17.43
C LEU A 118 6.21 -15.12 -17.03
N SER A 119 7.00 -14.24 -16.40
CA SER A 119 6.48 -12.92 -16.05
C SER A 119 6.17 -12.11 -17.29
N SER A 120 7.02 -12.21 -18.31
CA SER A 120 6.80 -11.44 -19.53
C SER A 120 5.58 -11.93 -20.27
N LEU A 121 5.39 -13.26 -20.35
CA LEU A 121 4.26 -13.80 -21.08
C LEU A 121 2.97 -13.54 -20.33
N PHE A 122 2.98 -13.77 -19.02
CA PHE A 122 1.81 -13.44 -18.22
C PHE A 122 1.45 -11.96 -18.37
N ALA A 123 2.45 -11.07 -18.30
CA ALA A 123 2.15 -9.65 -18.44
C ALA A 123 1.61 -9.33 -19.83
N ARG A 124 2.12 -9.99 -20.87
CA ARG A 124 1.64 -9.69 -22.20
C ARG A 124 0.14 -9.91 -22.30
N ASP A 125 -0.35 -11.07 -21.85
CA ASP A 125 -1.75 -11.44 -22.04
C ASP A 125 -2.66 -11.03 -20.88
N HIS A 126 -2.14 -10.52 -19.77
CA HIS A 126 -2.97 -10.33 -18.60
C HIS A 126 -2.93 -8.92 -18.04
N HIS A 127 -2.22 -7.98 -18.67
CA HIS A 127 -2.05 -6.69 -18.03
C HIS A 127 -3.39 -5.97 -17.87
N ASP A 128 -4.28 -6.10 -18.86
CA ASP A 128 -5.57 -5.41 -18.83
C ASP A 128 -6.71 -6.34 -18.41
N ILE A 129 -6.42 -7.33 -17.59
CA ILE A 129 -7.43 -8.29 -17.19
C ILE A 129 -7.65 -8.14 -15.70
N GLU A 130 -8.92 -7.93 -15.33
CA GLU A 130 -9.28 -7.68 -13.94
C GLU A 130 -8.94 -8.87 -13.06
N GLY A 131 -8.40 -8.60 -11.88
CA GLY A 131 -8.16 -9.61 -10.86
C GLY A 131 -6.94 -10.48 -11.05
N THR A 132 -5.94 -10.03 -11.81
CA THR A 132 -4.76 -10.84 -12.05
C THR A 132 -3.61 -10.39 -11.16
N THR A 133 -2.78 -11.36 -10.75
CA THR A 133 -1.67 -11.11 -9.85
C THR A 133 -0.45 -11.90 -10.29
N LEU A 134 0.72 -11.25 -10.25
CA LEU A 134 2.02 -11.89 -10.50
C LEU A 134 2.86 -11.75 -9.24
N VAL A 135 3.36 -12.86 -8.74
CA VAL A 135 4.13 -12.87 -7.52
C VAL A 135 5.45 -13.57 -7.78
N ASN A 136 6.55 -12.80 -7.76
CA ASN A 136 7.89 -13.32 -7.98
C ASN A 136 8.60 -13.47 -6.65
N ILE A 137 9.20 -14.63 -6.43
CA ILE A 137 9.83 -14.92 -5.15
C ILE A 137 11.30 -14.53 -5.24
N SER A 138 11.68 -13.49 -4.50
CA SER A 138 13.05 -13.03 -4.38
C SER A 138 13.64 -13.58 -3.09
N SER A 139 14.29 -12.78 -2.25
CA SER A 139 14.84 -13.20 -0.98
C SER A 139 15.30 -11.91 -0.31
N LEU A 140 15.50 -11.98 1.01
CA LEU A 140 16.25 -10.91 1.65
C LEU A 140 17.61 -10.77 1.02
N GLY A 141 18.14 -11.89 0.49
CA GLY A 141 19.38 -11.91 -0.26
C GLY A 141 19.30 -11.16 -1.56
N GLY A 142 18.10 -10.76 -1.99
CA GLY A 142 17.97 -9.92 -3.17
C GLY A 142 17.94 -8.43 -2.89
N TYR A 143 17.99 -8.05 -1.60
CA TYR A 143 18.09 -6.66 -1.20
C TYR A 143 19.34 -6.38 -0.38
N MET A 144 20.03 -7.42 0.06
CA MET A 144 21.24 -7.34 0.85
C MET A 144 22.15 -8.49 0.41
N ILE A 145 23.43 -8.21 0.16
CA ILE A 145 24.34 -9.25 -0.32
C ILE A 145 24.83 -10.08 0.86
N VAL A 146 24.92 -11.39 0.68
CA VAL A 146 25.24 -12.32 1.76
C VAL A 146 26.56 -13.02 1.44
N PRO A 147 27.57 -12.98 2.32
CA PRO A 147 28.85 -13.64 2.03
C PRO A 147 28.67 -15.12 1.73
N ASN A 148 29.46 -15.62 0.79
CA ASN A 148 29.51 -17.02 0.38
C ASN A 148 28.28 -17.39 -0.44
N ALA A 149 27.50 -16.41 -0.91
CA ALA A 149 26.37 -16.68 -1.79
C ALA A 149 26.21 -15.52 -2.78
N VAL A 150 27.32 -15.05 -3.33
CA VAL A 150 27.29 -13.86 -4.19
C VAL A 150 26.44 -14.09 -5.42
N THR A 151 26.71 -15.18 -6.14
CA THR A 151 26.03 -15.42 -7.41
C THR A 151 24.52 -15.54 -7.23
N TYR A 152 24.08 -16.30 -6.22
CA TYR A 152 22.65 -16.47 -5.98
C TYR A 152 21.99 -15.15 -5.57
N CYS A 153 22.68 -14.38 -4.70
CA CYS A 153 22.15 -13.09 -4.29
C CYS A 153 21.89 -12.23 -5.51
N ALA A 154 22.81 -12.27 -6.47
CA ALA A 154 22.68 -11.43 -7.65
C ALA A 154 21.49 -11.87 -8.51
N THR A 155 21.15 -13.17 -8.51
CA THR A 155 19.93 -13.56 -9.21
C THR A 155 18.71 -12.96 -8.51
N LYS A 156 18.75 -12.86 -7.18
CA LYS A 156 17.61 -12.29 -6.46
C LYS A 156 17.59 -10.77 -6.53
N PHE A 157 18.77 -10.13 -6.69
CA PHE A 157 18.76 -8.70 -6.98
C PHE A 157 18.07 -8.44 -8.30
N TYR A 158 18.38 -9.27 -9.31
CA TYR A 158 17.66 -9.23 -10.57
C TYR A 158 16.16 -9.33 -10.33
N VAL A 159 15.74 -10.39 -9.64
CA VAL A 159 14.32 -10.64 -9.40
C VAL A 159 13.68 -9.46 -8.68
N SER A 160 14.36 -8.90 -7.67
CA SER A 160 13.80 -7.78 -6.93
C SER A 160 13.67 -6.56 -7.81
N ALA A 161 14.72 -6.25 -8.56
CA ALA A 161 14.68 -5.04 -9.37
C ALA A 161 13.71 -5.21 -10.54
N TYR A 162 13.67 -6.40 -11.12
CA TYR A 162 12.78 -6.64 -12.25
C TYR A 162 11.32 -6.52 -11.81
N THR A 163 10.98 -7.09 -10.64
CA THR A 163 9.59 -7.06 -10.20
C THR A 163 9.23 -5.69 -9.66
N GLU A 164 10.17 -5.02 -9.00
CA GLU A 164 9.86 -3.68 -8.52
C GLU A 164 9.66 -2.72 -9.70
N GLY A 165 10.41 -2.93 -10.79
CA GLY A 165 10.22 -2.09 -11.96
C GLY A 165 9.01 -2.48 -12.78
N LEU A 166 8.70 -3.77 -12.86
CA LEU A 166 7.46 -4.19 -13.51
C LEU A 166 6.25 -3.71 -12.71
N ALA A 167 6.29 -3.83 -11.37
CA ALA A 167 5.16 -3.38 -10.57
C ALA A 167 4.89 -1.91 -10.81
N GLN A 168 5.93 -1.08 -10.80
CA GLN A 168 5.69 0.35 -10.95
C GLN A 168 5.36 0.69 -12.39
N GLU A 169 5.85 -0.09 -13.36
CA GLU A 169 5.43 0.09 -14.73
C GLU A 169 3.92 -0.09 -14.87
N LEU A 170 3.38 -1.17 -14.29
CA LEU A 170 1.96 -1.48 -14.43
C LEU A 170 1.10 -0.48 -13.66
N GLN A 171 1.58 0.02 -12.51
CA GLN A 171 0.83 1.03 -11.77
C GLN A 171 0.75 2.33 -12.57
N LYS A 172 1.91 2.88 -12.95
CA LYS A 172 1.93 4.12 -13.73
C LYS A 172 1.16 3.98 -15.03
N GLY A 173 1.12 2.78 -15.59
CA GLY A 173 0.33 2.63 -16.79
C GLY A 173 -1.12 2.34 -16.55
N GLY A 174 -1.55 2.25 -15.30
CA GLY A 174 -2.94 1.97 -15.02
C GLY A 174 -3.37 0.58 -15.43
N ALA A 175 -2.50 -0.41 -15.22
CA ALA A 175 -2.82 -1.80 -15.54
C ALA A 175 -3.79 -2.39 -14.51
N LYS A 176 -4.51 -3.42 -14.93
CA LYS A 176 -5.30 -4.20 -13.98
C LYS A 176 -4.45 -5.24 -13.29
N LEU A 177 -3.41 -5.72 -13.97
CA LEU A 177 -2.53 -6.72 -13.38
C LEU A 177 -1.67 -6.09 -12.28
N ARG A 178 -1.61 -6.75 -11.14
CA ARG A 178 -0.74 -6.33 -10.04
C ARG A 178 0.42 -7.28 -9.93
N ALA A 179 1.62 -6.74 -9.82
CA ALA A 179 2.83 -7.53 -9.72
C ALA A 179 3.46 -7.30 -8.36
N LYS A 180 3.92 -8.37 -7.72
CA LYS A 180 4.45 -8.27 -6.37
C LYS A 180 5.68 -9.16 -6.22
N VAL A 181 6.52 -8.82 -5.26
CA VAL A 181 7.71 -9.62 -4.98
C VAL A 181 7.68 -10.04 -3.52
N LEU A 182 7.99 -11.32 -3.27
CA LEU A 182 8.17 -11.83 -1.92
C LEU A 182 9.65 -11.97 -1.64
N ALA A 183 10.08 -11.51 -0.46
CA ALA A 183 11.47 -11.54 -0.03
C ALA A 183 11.57 -12.23 1.33
N PRO A 184 11.50 -13.55 1.36
CA PRO A 184 11.64 -14.27 2.64
C PRO A 184 13.04 -14.11 3.23
N ALA A 185 13.16 -14.42 4.52
CA ALA A 185 14.48 -14.63 5.11
C ALA A 185 14.66 -16.13 5.28
N ALA A 186 15.35 -16.59 6.32
CA ALA A 186 15.55 -18.02 6.45
C ALA A 186 14.20 -18.71 6.64
N THR A 187 13.89 -19.66 5.77
CA THR A 187 12.63 -20.38 5.80
C THR A 187 12.91 -21.87 5.74
N GLU A 188 12.30 -22.63 6.65
CA GLU A 188 12.63 -24.06 6.78
C GLU A 188 12.07 -24.89 5.64
N THR A 189 12.94 -25.23 4.68
CA THR A 189 12.59 -25.98 3.49
C THR A 189 13.82 -26.79 3.08
N GLU A 190 13.77 -27.37 1.88
CA GLU A 190 14.88 -28.14 1.34
C GLU A 190 15.98 -27.27 0.76
N PHE A 191 15.80 -25.95 0.79
CA PHE A 191 16.61 -25.06 -0.03
C PHE A 191 18.09 -25.22 0.30
N VAL A 192 18.44 -25.12 1.60
CA VAL A 192 19.84 -25.23 2.00
C VAL A 192 20.41 -26.57 1.54
N ASP A 193 19.68 -27.67 1.77
CA ASP A 193 20.17 -29.00 1.39
C ASP A 193 20.51 -29.05 -0.10
N ARG A 194 19.61 -28.53 -0.96
CA ARG A 194 19.90 -28.47 -2.40
C ARG A 194 21.13 -27.58 -2.65
N ALA A 195 21.23 -26.47 -1.94
CA ALA A 195 22.23 -25.47 -2.31
C ALA A 195 23.64 -25.97 -2.03
N ARG A 196 23.87 -26.50 -0.82
CA ARG A 196 25.14 -27.12 -0.47
C ARG A 196 25.28 -28.57 -0.97
N GLY A 197 24.23 -29.15 -1.58
CA GLY A 197 24.36 -30.43 -2.27
C GLY A 197 24.34 -31.69 -1.41
N GLU A 198 24.09 -31.60 -0.10
CA GLU A 198 23.99 -32.75 0.77
C GLU A 198 22.87 -32.53 1.78
N ALA A 199 22.13 -33.59 2.07
CA ALA A 199 20.95 -33.51 2.92
C ALA A 199 21.32 -33.45 4.41
N GLY A 200 20.32 -33.08 5.22
CA GLY A 200 20.44 -33.17 6.67
C GLY A 200 20.51 -31.86 7.43
N PHE A 201 20.63 -30.71 6.75
CA PHE A 201 20.73 -29.43 7.45
C PHE A 201 19.50 -29.25 8.32
N ASP A 202 19.73 -28.89 9.59
CA ASP A 202 18.67 -28.78 10.60
C ASP A 202 18.55 -27.33 11.04
N PHE A 203 17.51 -26.65 10.54
CA PHE A 203 17.25 -25.27 10.94
C PHE A 203 17.07 -25.18 12.46
N SER A 204 16.32 -26.13 13.04
CA SER A 204 16.06 -26.10 14.48
C SER A 204 17.36 -25.96 15.27
N LYS A 205 18.45 -26.62 14.78
CA LYS A 205 19.71 -26.69 15.53
C LYS A 205 20.72 -25.66 15.06
N ALA A 206 20.64 -25.26 13.78
CA ALA A 206 21.68 -24.48 13.13
C ALA A 206 21.29 -23.03 12.85
N VAL A 207 19.99 -22.71 12.84
CA VAL A 207 19.54 -21.35 12.53
C VAL A 207 18.72 -20.82 13.69
N LYS A 208 19.09 -19.62 14.15
CA LYS A 208 18.49 -19.13 15.38
C LYS A 208 17.18 -18.38 15.14
N LYS A 209 16.92 -17.91 13.91
CA LYS A 209 15.61 -17.33 13.59
C LYS A 209 15.22 -17.74 12.17
N TYR A 210 14.04 -18.34 12.02
CA TYR A 210 13.55 -18.78 10.72
C TYR A 210 12.04 -18.95 10.78
N HIS A 211 11.39 -18.80 9.62
CA HIS A 211 9.97 -19.09 9.50
C HIS A 211 9.75 -20.49 8.98
N THR A 212 8.58 -21.05 9.28
CA THR A 212 8.27 -22.31 8.64
C THR A 212 7.81 -22.05 7.21
N ALA A 213 7.70 -23.13 6.44
CA ALA A 213 7.15 -23.00 5.09
C ALA A 213 5.68 -22.58 5.13
N ALA A 214 4.95 -23.05 6.14
CA ALA A 214 3.54 -22.65 6.27
C ALA A 214 3.41 -21.17 6.62
N GLU A 215 4.31 -20.67 7.47
CA GLU A 215 4.27 -19.25 7.82
C GLU A 215 4.54 -18.40 6.58
N MET A 216 5.44 -18.87 5.70
CA MET A 216 5.80 -18.15 4.49
C MET A 216 4.73 -18.28 3.43
N ALA A 217 4.06 -19.43 3.36
CA ALA A 217 2.86 -19.46 2.55
C ALA A 217 1.87 -18.41 3.03
N GLY A 218 1.74 -18.22 4.35
CA GLY A 218 0.79 -17.26 4.88
C GLY A 218 1.16 -15.83 4.55
N PHE A 219 2.45 -15.52 4.62
CA PHE A 219 2.89 -14.20 4.21
C PHE A 219 2.62 -13.98 2.73
N LEU A 220 2.97 -14.97 1.88
CA LEU A 220 2.71 -14.87 0.44
C LEU A 220 1.25 -14.56 0.17
N HIS A 221 0.34 -15.22 0.90
CA HIS A 221 -1.09 -15.03 0.66
C HIS A 221 -1.53 -13.63 1.05
N GLN A 222 -1.02 -13.13 2.18
CA GLN A 222 -1.32 -11.76 2.58
C GLN A 222 -0.74 -10.74 1.61
N LEU A 223 0.43 -11.03 1.04
CA LEU A 223 0.98 -10.13 0.03
C LEU A 223 0.03 -10.01 -1.15
N ILE A 224 -0.49 -11.15 -1.64
CA ILE A 224 -1.51 -11.15 -2.70
C ILE A 224 -2.73 -10.34 -2.26
N GLU A 225 -3.08 -10.43 -0.99
CA GLU A 225 -4.17 -9.71 -0.37
C GLU A 225 -3.75 -8.33 0.12
N SER A 226 -2.94 -7.60 -0.65
CA SER A 226 -2.56 -6.24 -0.25
C SER A 226 -2.35 -5.39 -1.51
N ASP A 227 -2.26 -4.07 -1.29
CA ASP A 227 -1.81 -3.13 -2.32
C ASP A 227 -0.31 -2.86 -2.24
N ALA A 228 0.46 -3.74 -1.60
CA ALA A 228 1.89 -3.55 -1.43
C ALA A 228 2.64 -4.31 -2.52
N ILE A 229 3.74 -3.72 -2.98
CA ILE A 229 4.54 -4.33 -4.02
C ILE A 229 5.53 -5.33 -3.42
N VAL A 230 6.01 -5.08 -2.21
CA VAL A 230 7.08 -5.85 -1.59
C VAL A 230 6.58 -6.43 -0.28
N GLY A 231 6.67 -7.75 -0.14
CA GLY A 231 6.55 -8.38 1.15
C GLY A 231 7.91 -8.85 1.59
N ILE A 232 8.42 -8.36 2.72
CA ILE A 232 9.81 -8.57 3.06
C ILE A 232 9.94 -8.92 4.55
N VAL A 233 10.70 -9.96 4.87
CA VAL A 233 11.02 -10.30 6.25
C VAL A 233 12.18 -9.45 6.71
N ASP A 234 12.02 -8.82 7.87
CA ASP A 234 13.11 -8.06 8.46
C ASP A 234 14.17 -9.03 8.93
N GLY A 235 15.42 -8.79 8.54
CA GLY A 235 16.52 -9.68 8.92
C GLY A 235 16.79 -9.76 10.41
N GLU A 236 16.51 -8.68 11.16
CA GLU A 236 16.81 -8.70 12.59
C GLU A 236 15.57 -9.05 13.42
N THR A 237 14.43 -8.45 13.16
CA THR A 237 13.24 -8.80 13.92
C THR A 237 12.55 -10.04 13.37
N TYR A 238 12.72 -10.35 12.08
CA TYR A 238 12.00 -11.43 11.41
C TYR A 238 10.49 -11.17 11.44
N GLU A 239 10.10 -9.90 11.48
CA GLU A 239 8.73 -9.48 11.24
C GLU A 239 8.52 -9.39 9.74
N PHE A 240 7.34 -9.79 9.29
CA PHE A 240 6.97 -9.66 7.89
C PHE A 240 6.40 -8.27 7.69
N GLU A 241 6.94 -7.54 6.71
CA GLU A 241 6.49 -6.20 6.35
C GLU A 241 5.98 -6.17 4.93
N LEU A 242 4.81 -5.56 4.74
CA LEU A 242 4.30 -5.30 3.41
C LEU A 242 4.51 -3.82 3.16
N ARG A 243 5.29 -3.49 2.11
CA ARG A 243 5.72 -2.11 1.91
C ARG A 243 5.90 -1.87 0.41
N GLY A 244 6.36 -0.67 0.08
CA GLY A 244 6.66 -0.31 -1.29
C GLY A 244 8.09 -0.64 -1.67
N PRO A 245 8.46 -0.19 -2.88
CA PRO A 245 9.76 -0.60 -3.43
C PRO A 245 10.95 -0.13 -2.59
N LEU A 246 12.02 -0.92 -2.64
CA LEU A 246 13.27 -0.60 -1.95
C LEU A 246 14.27 0.17 -2.80
N PHE A 247 14.24 0.02 -4.12
CA PHE A 247 15.31 0.54 -4.97
C PHE A 247 14.98 1.94 -5.50
N ASN A 248 16.03 2.65 -5.92
CA ASN A 248 15.87 3.90 -6.67
C ASN A 248 14.95 3.69 -7.87
N TYR A 249 13.88 4.48 -7.95
CA TYR A 249 13.06 4.52 -9.17
C TYR A 249 13.23 5.90 -9.78
N ALA A 250 13.66 5.94 -11.05
CA ALA A 250 13.89 7.21 -11.76
C ALA A 250 12.62 7.70 -12.45
N GLY A 251 11.52 7.71 -11.70
CA GLY A 251 10.24 8.19 -12.20
C GLY A 251 9.39 8.76 -11.07
N LYS B 4 51.54 -10.00 -21.55
CA LYS B 4 50.48 -9.60 -20.63
C LYS B 4 49.32 -8.89 -21.31
N TYR B 5 48.13 -9.53 -21.25
CA TYR B 5 46.96 -9.16 -22.05
C TYR B 5 45.81 -8.65 -21.21
N THR B 6 45.06 -7.72 -21.80
CA THR B 6 43.83 -7.16 -21.28
C THR B 6 42.71 -7.59 -22.22
N VAL B 7 41.76 -8.36 -21.71
CA VAL B 7 40.66 -8.88 -22.50
C VAL B 7 39.51 -7.90 -22.43
N ILE B 8 39.01 -7.46 -23.58
CA ILE B 8 37.90 -6.49 -23.65
C ILE B 8 36.80 -7.11 -24.50
N THR B 9 35.70 -7.50 -23.88
CA THR B 9 34.59 -7.94 -24.69
C THR B 9 33.81 -6.72 -25.14
N GLY B 10 33.13 -6.84 -26.27
CA GLY B 10 32.44 -5.67 -26.81
C GLY B 10 33.38 -4.61 -27.29
N ALA B 11 34.51 -5.00 -27.89
CA ALA B 11 35.52 -4.03 -28.27
C ALA B 11 35.27 -3.35 -29.61
N SER B 12 34.26 -3.76 -30.39
CA SER B 12 34.17 -3.27 -31.75
C SER B 12 33.54 -1.88 -31.89
N SER B 13 33.03 -1.30 -30.81
CA SER B 13 32.49 0.06 -30.83
C SER B 13 32.33 0.57 -29.40
N GLY B 14 32.06 1.85 -29.28
CA GLY B 14 31.60 2.34 -27.98
C GLY B 14 32.69 2.36 -26.93
N ILE B 15 32.28 2.10 -25.68
CA ILE B 15 33.20 2.15 -24.54
C ILE B 15 34.36 1.18 -24.72
N GLY B 16 34.07 -0.06 -25.14
CA GLY B 16 35.13 -1.04 -25.26
C GLY B 16 36.15 -0.67 -26.32
N TYR B 17 35.67 -0.14 -27.44
CA TYR B 17 36.54 0.36 -28.50
C TYR B 17 37.46 1.46 -27.98
N GLU B 18 36.89 2.49 -27.34
CA GLU B 18 37.72 3.60 -26.88
C GLU B 18 38.62 3.18 -25.72
N THR B 19 38.20 2.17 -24.96
CA THR B 19 39.06 1.63 -23.90
C THR B 19 40.28 0.96 -24.50
N ALA B 20 40.06 0.19 -25.57
CA ALA B 20 41.17 -0.45 -26.26
C ALA B 20 42.18 0.58 -26.75
N LYS B 21 41.71 1.73 -27.23
CA LYS B 21 42.64 2.74 -27.73
C LYS B 21 43.39 3.40 -26.59
N LEU B 22 42.72 3.64 -25.47
CA LEU B 22 43.38 4.23 -24.31
C LEU B 22 44.46 3.31 -23.78
N LEU B 23 44.16 2.02 -23.67
CA LEU B 23 45.15 1.11 -23.13
C LEU B 23 46.28 0.93 -24.12
N ALA B 24 45.97 1.03 -25.42
CA ALA B 24 47.02 1.04 -26.42
C ALA B 24 48.05 2.12 -26.12
N GLY B 25 47.59 3.35 -25.89
CA GLY B 25 48.48 4.46 -25.57
C GLY B 25 49.28 4.25 -24.32
N LYS B 26 48.87 3.35 -23.46
CA LYS B 26 49.71 2.94 -22.32
C LYS B 26 50.60 1.76 -22.65
N GLY B 27 50.59 1.23 -23.88
CA GLY B 27 51.47 0.14 -24.22
C GLY B 27 50.98 -1.25 -23.89
N LYS B 28 49.70 -1.39 -23.52
CA LYS B 28 49.17 -2.71 -23.18
C LYS B 28 48.85 -3.52 -24.43
N SER B 29 48.98 -4.84 -24.32
CA SER B 29 48.53 -5.76 -25.36
C SER B 29 47.10 -6.19 -25.03
N LEU B 30 46.30 -6.42 -26.07
CA LEU B 30 44.85 -6.56 -25.93
C LEU B 30 44.34 -7.81 -26.62
N VAL B 31 43.30 -8.41 -26.02
CA VAL B 31 42.46 -9.43 -26.67
C VAL B 31 41.10 -8.80 -26.88
N LEU B 32 40.73 -8.54 -28.12
CA LEU B 32 39.52 -7.78 -28.39
C LEU B 32 38.45 -8.72 -28.93
N VAL B 33 37.31 -8.78 -28.22
CA VAL B 33 36.24 -9.73 -28.53
C VAL B 33 34.98 -8.98 -28.92
N ALA B 34 34.43 -9.34 -30.08
CA ALA B 34 33.14 -8.84 -30.56
C ALA B 34 32.69 -9.73 -31.71
N ARG B 35 31.51 -9.44 -32.25
CA ARG B 35 31.04 -10.27 -33.36
C ARG B 35 31.55 -9.77 -34.70
N ARG B 36 31.55 -8.46 -34.92
CA ARG B 36 31.90 -7.87 -36.21
C ARG B 36 33.41 -7.83 -36.37
N THR B 37 33.94 -8.88 -37.00
CA THR B 37 35.35 -8.93 -37.37
C THR B 37 35.81 -7.65 -38.06
N SER B 38 35.03 -7.17 -39.03
CA SER B 38 35.32 -5.93 -39.76
C SER B 38 35.82 -4.81 -38.85
N GLU B 39 35.08 -4.52 -37.79
CA GLU B 39 35.44 -3.39 -36.96
C GLU B 39 36.56 -3.76 -36.00
N LEU B 40 36.65 -5.04 -35.60
CA LEU B 40 37.77 -5.46 -34.78
C LEU B 40 39.10 -5.26 -35.52
N GLU B 41 39.14 -5.56 -36.83
CA GLU B 41 40.36 -5.37 -37.59
C GLU B 41 40.65 -3.88 -37.79
N LYS B 42 39.61 -3.07 -37.95
CA LYS B 42 39.79 -1.63 -38.07
C LYS B 42 40.36 -1.03 -36.79
N LEU B 43 39.95 -1.56 -35.64
CA LEU B 43 40.49 -1.08 -34.38
C LEU B 43 41.92 -1.55 -34.17
N ARG B 44 42.20 -2.80 -34.52
CA ARG B 44 43.56 -3.30 -34.37
C ARG B 44 44.54 -2.44 -35.18
N ASP B 45 44.11 -1.99 -36.36
CA ASP B 45 44.94 -1.09 -37.17
C ASP B 45 45.22 0.19 -36.41
N GLU B 46 44.19 0.76 -35.77
CA GLU B 46 44.39 1.95 -34.96
C GLU B 46 45.31 1.66 -33.79
N VAL B 47 45.21 0.46 -33.21
CA VAL B 47 45.99 0.16 -32.02
C VAL B 47 47.47 0.05 -32.36
N LYS B 48 47.78 -0.53 -33.54
CA LYS B 48 49.17 -0.64 -34.00
C LYS B 48 49.77 0.74 -34.29
N GLN B 49 48.97 1.65 -34.86
CA GLN B 49 49.45 3.00 -35.16
C GLN B 49 49.69 3.79 -33.88
N ILE B 50 48.92 3.53 -32.83
CA ILE B 50 49.18 4.13 -31.52
C ILE B 50 50.36 3.46 -30.85
N SER B 51 50.47 2.15 -30.99
CA SER B 51 51.33 1.36 -30.11
C SER B 51 51.95 0.22 -30.92
N PRO B 52 53.01 0.51 -31.66
CA PRO B 52 53.59 -0.51 -32.55
C PRO B 52 53.84 -1.84 -31.87
N ASP B 53 54.22 -1.84 -30.60
CA ASP B 53 54.70 -3.06 -29.97
C ASP B 53 53.63 -3.79 -29.17
N SER B 54 52.44 -3.21 -29.06
CA SER B 54 51.28 -3.90 -28.49
C SER B 54 50.91 -5.11 -29.32
N ASP B 55 50.71 -6.26 -28.67
CA ASP B 55 50.11 -7.38 -29.37
C ASP B 55 48.60 -7.28 -29.31
N VAL B 56 47.94 -7.62 -30.43
CA VAL B 56 46.49 -7.48 -30.56
C VAL B 56 45.94 -8.75 -31.18
N ILE B 57 45.34 -9.61 -30.35
CA ILE B 57 44.62 -10.80 -30.78
C ILE B 57 43.14 -10.45 -30.92
N LEU B 58 42.52 -10.91 -32.00
CA LEU B 58 41.10 -10.69 -32.23
C LEU B 58 40.34 -12.00 -32.08
N LYS B 59 39.08 -11.92 -31.60
CA LYS B 59 38.22 -13.11 -31.43
C LYS B 59 36.79 -12.75 -31.83
N SER B 60 36.36 -13.21 -33.01
CA SER B 60 34.99 -12.96 -33.44
C SER B 60 34.10 -13.99 -32.74
N VAL B 61 33.33 -13.55 -31.77
CA VAL B 61 32.60 -14.49 -30.92
C VAL B 61 31.26 -13.89 -30.55
N ASP B 62 30.19 -14.66 -30.75
CA ASP B 62 28.88 -14.34 -30.19
C ASP B 62 28.86 -14.85 -28.76
N LEU B 63 28.85 -13.93 -27.81
CA LEU B 63 28.91 -14.30 -26.40
C LEU B 63 27.53 -14.55 -25.80
N ALA B 64 26.46 -14.37 -26.58
CA ALA B 64 25.16 -14.77 -26.08
C ALA B 64 24.95 -16.28 -26.11
N ASP B 65 25.94 -17.06 -26.54
CA ASP B 65 25.90 -18.51 -26.42
C ASP B 65 26.86 -18.93 -25.32
N ASN B 66 26.37 -19.72 -24.35
CA ASN B 66 27.20 -20.05 -23.19
C ASN B 66 28.41 -20.88 -23.60
N GLN B 67 28.21 -21.84 -24.51
CA GLN B 67 29.34 -22.65 -24.95
C GLN B 67 30.40 -21.78 -25.60
N ASN B 68 29.99 -20.80 -26.41
CA ASN B 68 30.95 -19.91 -27.05
C ASN B 68 31.81 -19.20 -26.02
N VAL B 69 31.22 -18.80 -24.90
CA VAL B 69 31.95 -18.04 -23.89
C VAL B 69 33.02 -18.93 -23.24
N HIS B 70 32.66 -20.17 -22.91
CA HIS B 70 33.66 -21.13 -22.44
C HIS B 70 34.77 -21.31 -23.46
N ASP B 71 34.41 -21.47 -24.74
CA ASP B 71 35.41 -21.69 -25.78
C ASP B 71 36.33 -20.49 -25.92
N LEU B 72 35.77 -19.28 -25.85
CA LEU B 72 36.59 -18.08 -25.85
C LEU B 72 37.65 -18.14 -24.76
N TYR B 73 37.26 -18.60 -23.56
CA TYR B 73 38.17 -18.51 -22.42
C TYR B 73 39.22 -19.60 -22.47
N GLU B 74 38.78 -20.84 -22.65
CA GLU B 74 39.69 -21.98 -22.79
C GLU B 74 40.74 -21.74 -23.88
N GLY B 75 40.38 -21.01 -24.93
CA GLY B 75 41.35 -20.68 -25.97
C GLY B 75 42.35 -19.62 -25.57
N LEU B 76 42.11 -18.93 -24.47
CA LEU B 76 43.05 -17.92 -23.98
C LEU B 76 43.94 -18.47 -22.88
N LYS B 77 43.99 -19.79 -22.70
CA LYS B 77 44.68 -20.33 -21.52
C LYS B 77 46.18 -20.39 -21.74
N GLU B 78 46.63 -20.20 -22.98
CA GLU B 78 48.05 -20.11 -23.32
C GLU B 78 48.60 -18.72 -23.06
N LEU B 79 47.76 -17.77 -22.65
CA LEU B 79 48.15 -16.38 -22.49
C LEU B 79 48.10 -15.94 -21.02
N ASP B 80 48.90 -14.93 -20.74
CA ASP B 80 49.03 -14.31 -19.43
C ASP B 80 48.13 -13.09 -19.45
N ILE B 81 46.99 -13.20 -18.78
CA ILE B 81 45.92 -12.20 -18.85
C ILE B 81 45.94 -11.44 -17.53
N GLU B 82 46.29 -10.15 -17.58
CA GLU B 82 46.27 -9.41 -16.33
C GLU B 82 44.93 -8.74 -16.03
N THR B 83 44.10 -8.46 -17.03
CA THR B 83 42.84 -7.74 -16.87
C THR B 83 41.82 -8.36 -17.80
N LEU B 84 40.60 -8.55 -17.29
CA LEU B 84 39.44 -8.97 -18.07
C LEU B 84 38.34 -7.94 -17.85
N ILE B 85 37.77 -7.44 -18.93
CA ILE B 85 36.76 -6.38 -18.89
C ILE B 85 35.51 -6.93 -19.58
N ASN B 86 34.45 -7.15 -18.79
CA ASN B 86 33.18 -7.63 -19.30
C ASN B 86 32.35 -6.42 -19.72
N ASN B 87 32.60 -5.94 -20.93
CA ASN B 87 31.97 -4.72 -21.42
C ASN B 87 30.80 -5.01 -22.35
N ALA B 88 30.82 -6.13 -23.07
CA ALA B 88 29.75 -6.44 -24.00
C ALA B 88 28.40 -6.45 -23.30
N GLY B 89 27.43 -5.76 -23.89
CA GLY B 89 26.09 -5.75 -23.34
C GLY B 89 25.15 -4.99 -24.23
N VAL B 90 23.85 -5.23 -24.01
CA VAL B 90 22.81 -4.80 -24.94
C VAL B 90 21.58 -4.34 -24.16
N GLY B 91 20.87 -3.38 -24.74
CA GLY B 91 19.74 -2.74 -24.11
C GLY B 91 18.42 -2.91 -24.86
N ASP B 92 17.35 -2.55 -24.18
CA ASP B 92 16.01 -2.59 -24.75
C ASP B 92 15.17 -1.53 -24.07
N PHE B 93 14.41 -0.81 -24.87
CA PHE B 93 13.41 0.13 -24.39
C PHE B 93 12.05 -0.40 -24.80
N ASP B 94 11.25 -0.83 -23.81
CA ASP B 94 9.93 -1.39 -24.07
C ASP B 94 9.22 -1.73 -22.78
N LEU B 95 7.90 -1.51 -22.72
CA LEU B 95 7.11 -2.07 -21.62
C LEU B 95 7.34 -3.56 -21.59
N VAL B 96 7.36 -4.15 -20.38
CA VAL B 96 7.58 -5.60 -20.31
C VAL B 96 6.53 -6.34 -21.13
N GLN B 97 5.26 -5.90 -21.06
CA GLN B 97 4.20 -6.48 -21.85
C GLN B 97 4.45 -6.41 -23.37
N ASP B 98 5.40 -5.58 -23.83
CA ASP B 98 5.63 -5.45 -25.26
C ASP B 98 6.94 -6.06 -25.73
N ILE B 99 7.70 -6.72 -24.86
CA ILE B 99 9.05 -7.08 -25.28
C ILE B 99 9.02 -8.18 -26.33
N GLU B 100 10.18 -8.41 -26.92
CA GLU B 100 10.44 -9.48 -27.88
C GLU B 100 11.28 -10.51 -27.14
N LEU B 101 10.68 -11.63 -26.73
CA LEU B 101 11.38 -12.53 -25.82
C LEU B 101 12.73 -12.97 -26.40
N GLY B 102 12.77 -13.27 -27.71
CA GLY B 102 14.02 -13.73 -28.29
C GLY B 102 15.11 -12.71 -28.16
N LYS B 103 14.75 -11.43 -28.25
CA LYS B 103 15.75 -10.39 -28.00
C LYS B 103 16.11 -10.32 -26.53
N ILE B 104 15.09 -10.39 -25.65
CA ILE B 104 15.34 -10.25 -24.22
C ILE B 104 16.08 -11.46 -23.67
N GLU B 105 15.76 -12.66 -24.19
CA GLU B 105 16.46 -13.86 -23.75
C GLU B 105 17.91 -13.81 -24.18
N LYS B 106 18.18 -13.22 -25.33
CA LYS B 106 19.55 -13.05 -25.77
C LYS B 106 20.24 -12.00 -24.91
N MET B 107 19.49 -10.97 -24.51
CA MET B 107 20.06 -9.94 -23.63
C MET B 107 20.47 -10.54 -22.30
N LEU B 108 19.66 -11.45 -21.76
CA LEU B 108 20.03 -12.09 -20.50
C LEU B 108 21.28 -12.94 -20.68
N ARG B 109 21.43 -13.62 -21.82
CA ARG B 109 22.56 -14.52 -21.97
C ARG B 109 23.87 -13.75 -22.11
N LEU B 110 23.81 -12.50 -22.57
CA LEU B 110 24.99 -11.67 -22.78
C LEU B 110 25.28 -10.80 -21.55
N ASN B 111 24.31 -9.94 -21.19
CA ASN B 111 24.46 -9.03 -20.06
C ASN B 111 24.75 -9.77 -18.76
N ILE B 112 24.16 -10.94 -18.58
CA ILE B 112 24.27 -11.68 -17.34
C ILE B 112 25.21 -12.86 -17.49
N GLU B 113 24.86 -13.84 -18.32
CA GLU B 113 25.53 -15.13 -18.27
C GLU B 113 26.97 -15.05 -18.74
N ALA B 114 27.19 -14.50 -19.93
CA ALA B 114 28.56 -14.31 -20.44
C ALA B 114 29.42 -13.67 -19.37
N LEU B 115 28.95 -12.55 -18.79
CA LEU B 115 29.73 -11.84 -17.78
C LEU B 115 29.97 -12.73 -16.57
N THR B 116 29.01 -13.58 -16.23
CA THR B 116 29.17 -14.40 -15.04
C THR B 116 30.09 -15.59 -15.32
N ILE B 117 30.04 -16.13 -16.53
CA ILE B 117 30.99 -17.19 -16.89
C ILE B 117 32.41 -16.66 -16.90
N LEU B 118 32.64 -15.53 -17.58
CA LEU B 118 34.00 -15.02 -17.72
C LEU B 118 34.55 -14.56 -16.38
N SER B 119 33.71 -13.95 -15.54
CA SER B 119 34.17 -13.51 -14.23
C SER B 119 34.50 -14.68 -13.33
N SER B 120 33.68 -15.73 -13.39
CA SER B 120 33.90 -16.88 -12.51
C SER B 120 35.15 -17.63 -12.94
N LEU B 121 35.36 -17.75 -14.24
CA LEU B 121 36.53 -18.48 -14.72
C LEU B 121 37.79 -17.67 -14.49
N PHE B 122 37.72 -16.36 -14.75
CA PHE B 122 38.84 -15.49 -14.40
C PHE B 122 39.16 -15.56 -12.92
N ALA B 123 38.13 -15.51 -12.07
CA ALA B 123 38.35 -15.54 -10.63
C ALA B 123 38.97 -16.86 -10.20
N ARG B 124 38.61 -17.96 -10.86
CA ARG B 124 39.11 -19.27 -10.48
C ARG B 124 40.62 -19.36 -10.68
N ASP B 125 41.12 -18.93 -11.85
CA ASP B 125 42.53 -19.04 -12.20
C ASP B 125 43.38 -17.87 -11.70
N HIS B 126 42.78 -16.74 -11.32
CA HIS B 126 43.56 -15.54 -11.07
C HIS B 126 43.36 -14.95 -9.69
N HIS B 127 42.64 -15.60 -8.78
CA HIS B 127 42.37 -14.93 -7.51
C HIS B 127 43.66 -14.69 -6.73
N ASP B 128 44.59 -15.65 -6.76
CA ASP B 128 45.85 -15.53 -6.03
C ASP B 128 47.03 -15.11 -6.93
N ILE B 129 46.78 -14.38 -8.01
CA ILE B 129 47.81 -13.96 -8.95
C ILE B 129 47.95 -12.44 -8.92
N GLU B 130 49.18 -11.97 -8.72
CA GLU B 130 49.38 -10.55 -8.39
C GLU B 130 49.06 -9.66 -9.61
N GLY B 131 48.46 -8.50 -9.35
CA GLY B 131 48.27 -7.54 -10.43
C GLY B 131 47.13 -7.79 -11.37
N THR B 132 46.23 -8.73 -11.06
CA THR B 132 45.10 -9.02 -11.92
C THR B 132 43.91 -8.13 -11.56
N THR B 133 43.05 -7.86 -12.55
CA THR B 133 41.89 -7.00 -12.33
C THR B 133 40.73 -7.47 -13.21
N LEU B 134 39.57 -7.59 -12.59
CA LEU B 134 38.32 -7.88 -13.27
C LEU B 134 37.43 -6.63 -13.18
N VAL B 135 36.99 -6.13 -14.32
CA VAL B 135 36.14 -4.93 -14.39
C VAL B 135 34.90 -5.33 -15.15
N ASN B 136 33.74 -5.27 -14.48
CA ASN B 136 32.45 -5.53 -15.10
C ASN B 136 31.71 -4.21 -15.31
N ILE B 137 31.14 -4.03 -16.50
CA ILE B 137 30.44 -2.80 -16.83
C ILE B 137 28.97 -3.00 -16.50
N SER B 138 28.48 -2.21 -15.55
CA SER B 138 27.05 -2.15 -15.24
C SER B 138 26.50 -0.83 -15.77
N SER B 139 25.67 -0.11 -15.02
CA SER B 139 25.12 1.16 -15.48
C SER B 139 24.57 1.87 -14.26
N LEU B 140 24.40 3.20 -14.37
CA LEU B 140 23.60 3.91 -13.37
C LEU B 140 22.19 3.30 -13.28
N GLY B 141 21.63 2.87 -14.41
CA GLY B 141 20.45 2.04 -14.37
C GLY B 141 20.64 0.68 -13.75
N GLY B 142 21.85 0.36 -13.27
CA GLY B 142 21.98 -0.83 -12.44
C GLY B 142 21.92 -0.57 -10.96
N TYR B 143 21.73 0.70 -10.59
CA TYR B 143 21.55 1.12 -9.23
C TYR B 143 20.29 1.93 -9.05
N MET B 144 19.57 2.16 -10.14
CA MET B 144 18.44 3.07 -10.22
C MET B 144 17.61 2.61 -11.38
N ILE B 145 16.35 2.25 -11.12
CA ILE B 145 15.48 1.66 -12.12
C ILE B 145 14.92 2.79 -12.98
N VAL B 146 14.97 2.60 -14.28
CA VAL B 146 14.57 3.61 -15.24
C VAL B 146 13.32 3.12 -15.97
N PRO B 147 12.24 3.91 -15.99
CA PRO B 147 11.03 3.51 -16.71
C PRO B 147 11.33 3.11 -18.15
N ASN B 148 10.58 2.11 -18.64
CA ASN B 148 10.61 1.63 -20.03
C ASN B 148 11.87 0.83 -20.32
N ALA B 149 12.69 0.56 -19.31
CA ALA B 149 13.85 -0.31 -19.48
C ALA B 149 13.96 -1.20 -18.25
N VAL B 150 12.86 -1.85 -17.89
CA VAL B 150 12.83 -2.62 -16.65
C VAL B 150 13.77 -3.81 -16.74
N THR B 151 13.64 -4.58 -17.82
CA THR B 151 14.37 -5.83 -17.98
C THR B 151 15.88 -5.58 -18.07
N TYR B 152 16.27 -4.57 -18.83
CA TYR B 152 17.69 -4.25 -18.95
C TYR B 152 18.28 -3.78 -17.61
N CYS B 153 17.57 -2.89 -16.91
CA CYS B 153 18.04 -2.39 -15.62
C CYS B 153 18.28 -3.55 -14.67
N ALA B 154 17.45 -4.58 -14.77
CA ALA B 154 17.56 -5.73 -13.88
C ALA B 154 18.82 -6.55 -14.19
N THR B 155 19.18 -6.68 -15.48
CA THR B 155 20.47 -7.27 -15.80
C THR B 155 21.61 -6.46 -15.18
N LYS B 156 21.46 -5.14 -15.13
CA LYS B 156 22.52 -4.33 -14.57
C LYS B 156 22.50 -4.38 -13.03
N PHE B 157 21.33 -4.46 -12.39
CA PHE B 157 21.29 -4.71 -10.94
C PHE B 157 21.98 -6.02 -10.61
N TYR B 158 21.84 -7.02 -11.48
CA TYR B 158 22.59 -8.26 -11.30
C TYR B 158 24.09 -7.98 -11.38
N VAL B 159 24.50 -7.21 -12.39
CA VAL B 159 25.92 -6.98 -12.57
C VAL B 159 26.50 -6.22 -11.38
N SER B 160 25.82 -5.16 -10.95
CA SER B 160 26.28 -4.37 -9.81
C SER B 160 26.34 -5.21 -8.54
N ALA B 161 25.29 -5.99 -8.29
CA ALA B 161 25.26 -6.77 -7.06
C ALA B 161 26.26 -7.91 -7.12
N TYR B 162 26.36 -8.57 -8.28
CA TYR B 162 27.33 -9.64 -8.44
C TYR B 162 28.75 -9.12 -8.21
N THR B 163 29.09 -8.00 -8.86
CA THR B 163 30.47 -7.51 -8.81
C THR B 163 30.79 -6.88 -7.45
N GLU B 164 29.84 -6.16 -6.84
CA GLU B 164 30.06 -5.65 -5.49
C GLU B 164 30.24 -6.79 -4.50
N GLY B 165 29.51 -7.89 -4.69
CA GLY B 165 29.66 -9.01 -3.79
C GLY B 165 30.94 -9.78 -4.05
N LEU B 166 31.34 -9.87 -5.31
CA LEU B 166 32.59 -10.55 -5.67
C LEU B 166 33.78 -9.73 -5.21
N ALA B 167 33.72 -8.41 -5.40
CA ALA B 167 34.77 -7.52 -4.95
C ALA B 167 35.01 -7.71 -3.46
N GLN B 168 33.95 -7.64 -2.66
CA GLN B 168 34.13 -7.76 -1.23
C GLN B 168 34.52 -9.16 -0.83
N GLU B 169 34.06 -10.19 -1.58
CA GLU B 169 34.53 -11.55 -1.32
C GLU B 169 36.05 -11.63 -1.45
N LEU B 170 36.60 -10.99 -2.48
CA LEU B 170 38.03 -11.10 -2.73
C LEU B 170 38.80 -10.34 -1.66
N GLN B 171 38.31 -9.16 -1.25
CA GLN B 171 38.95 -8.39 -0.19
C GLN B 171 38.95 -9.17 1.13
N LYS B 172 37.77 -9.60 1.56
CA LYS B 172 37.66 -10.35 2.82
C LYS B 172 38.50 -11.62 2.78
N GLY B 173 38.67 -12.23 1.62
CA GLY B 173 39.50 -13.42 1.58
C GLY B 173 40.93 -13.19 1.20
N GLY B 174 41.38 -11.94 1.25
CA GLY B 174 42.77 -11.65 0.97
C GLY B 174 43.20 -11.97 -0.44
N ALA B 175 42.32 -11.84 -1.43
CA ALA B 175 42.79 -12.23 -2.74
C ALA B 175 43.80 -11.21 -3.28
N LYS B 176 44.55 -11.62 -4.31
CA LYS B 176 45.33 -10.64 -5.05
C LYS B 176 44.48 -9.96 -6.12
N LEU B 177 43.56 -10.70 -6.72
CA LEU B 177 42.69 -10.19 -7.76
C LEU B 177 41.80 -9.07 -7.21
N ARG B 178 41.69 -7.98 -7.95
CA ARG B 178 40.74 -6.92 -7.66
C ARG B 178 39.59 -7.00 -8.65
N ALA B 179 38.37 -6.84 -8.15
CA ALA B 179 37.18 -6.80 -8.99
C ALA B 179 36.52 -5.44 -8.81
N LYS B 180 36.11 -4.83 -9.93
CA LYS B 180 35.55 -3.49 -9.98
C LYS B 180 34.31 -3.47 -10.86
N VAL B 181 33.42 -2.50 -10.62
CA VAL B 181 32.22 -2.30 -11.43
C VAL B 181 32.19 -0.83 -11.88
N LEU B 182 31.92 -0.64 -13.16
CA LEU B 182 31.76 0.68 -13.75
C LEU B 182 30.28 0.90 -14.03
N ALA B 183 29.79 2.09 -13.75
CA ALA B 183 28.36 2.41 -13.84
C ALA B 183 28.16 3.70 -14.61
N PRO B 184 28.31 3.67 -15.94
CA PRO B 184 28.18 4.92 -16.72
C PRO B 184 26.74 5.43 -16.67
N ALA B 185 26.59 6.69 -17.02
CA ALA B 185 25.25 7.21 -17.24
C ALA B 185 25.14 7.32 -18.74
N ALA B 186 24.40 8.30 -19.26
CA ALA B 186 24.36 8.49 -20.72
C ALA B 186 25.75 8.64 -21.32
N THR B 187 26.10 7.75 -22.24
CA THR B 187 27.40 7.74 -22.88
C THR B 187 27.23 7.61 -24.38
N GLU B 188 27.92 8.45 -25.15
CA GLU B 188 27.60 8.58 -26.57
C GLU B 188 28.13 7.39 -27.36
N THR B 189 27.29 6.38 -27.56
CA THR B 189 27.69 5.12 -28.17
C THR B 189 26.60 4.68 -29.14
N GLU B 190 26.78 3.50 -29.73
CA GLU B 190 25.73 2.91 -30.56
C GLU B 190 24.61 2.31 -29.74
N PHE B 191 24.68 2.43 -28.40
CA PHE B 191 23.89 1.59 -27.49
C PHE B 191 22.40 1.87 -27.62
N VAL B 192 22.03 3.14 -27.67
CA VAL B 192 20.63 3.50 -27.81
C VAL B 192 20.11 3.01 -29.15
N ASP B 193 20.89 3.24 -30.22
CA ASP B 193 20.50 2.80 -31.56
C ASP B 193 20.22 1.31 -31.61
N ARG B 194 21.09 0.51 -31.00
CA ARG B 194 20.88 -0.93 -31.00
C ARG B 194 19.68 -1.29 -30.13
N ALA B 195 19.44 -0.55 -29.04
CA ALA B 195 18.42 -0.97 -28.09
C ALA B 195 17.01 -0.74 -28.66
N ARG B 196 16.80 0.44 -29.22
CA ARG B 196 15.54 0.78 -29.87
C ARG B 196 15.43 0.27 -31.30
N GLY B 197 16.48 -0.33 -31.86
CA GLY B 197 16.34 -0.98 -33.15
C GLY B 197 16.50 -0.12 -34.38
N GLU B 198 16.78 1.17 -34.24
CA GLU B 198 16.78 2.09 -35.37
C GLU B 198 17.93 3.08 -35.20
N ALA B 199 18.58 3.46 -36.29
CA ALA B 199 19.75 4.29 -36.14
C ALA B 199 19.34 5.77 -36.06
N GLY B 200 20.31 6.60 -35.65
CA GLY B 200 20.14 8.04 -35.75
C GLY B 200 19.85 8.80 -34.47
N PHE B 201 19.78 8.15 -33.33
CA PHE B 201 19.59 8.84 -32.06
C PHE B 201 20.76 9.78 -31.83
N ASP B 202 20.46 11.04 -31.57
CA ASP B 202 21.45 12.11 -31.48
C ASP B 202 21.51 12.61 -30.03
N PHE B 203 22.56 12.18 -29.32
CA PHE B 203 22.77 12.67 -27.97
C PHE B 203 22.83 14.19 -27.94
N SER B 204 23.61 14.79 -28.84
CA SER B 204 23.75 16.24 -28.87
C SER B 204 22.40 16.95 -28.85
N LYS B 205 21.40 16.44 -29.61
CA LYS B 205 20.12 17.16 -29.68
C LYS B 205 19.11 16.64 -28.65
N ALA B 206 19.27 15.40 -28.18
CA ALA B 206 18.23 14.74 -27.41
C ALA B 206 18.56 14.60 -25.93
N VAL B 207 19.84 14.62 -25.57
CA VAL B 207 20.31 14.37 -24.22
C VAL B 207 21.11 15.57 -23.76
N LYS B 208 20.77 16.09 -22.57
CA LYS B 208 21.33 17.35 -22.11
C LYS B 208 22.55 17.17 -21.22
N LYS B 209 22.79 15.97 -20.70
CA LYS B 209 24.08 15.67 -20.07
C LYS B 209 24.48 14.25 -20.46
N TYR B 210 25.70 14.10 -20.99
CA TYR B 210 26.24 12.80 -21.39
C TYR B 210 27.76 12.93 -21.50
N HIS B 211 28.45 11.81 -21.34
CA HIS B 211 29.87 11.67 -21.59
C HIS B 211 30.13 11.03 -22.95
N THR B 212 31.29 11.33 -23.52
CA THR B 212 31.68 10.67 -24.76
C THR B 212 32.30 9.32 -24.43
N ALA B 213 32.43 8.47 -25.44
CA ALA B 213 33.03 7.15 -25.23
C ALA B 213 34.46 7.28 -24.75
N ALA B 214 35.19 8.27 -25.29
CA ALA B 214 36.57 8.49 -24.87
C ALA B 214 36.61 8.93 -23.41
N GLU B 215 35.66 9.77 -22.99
CA GLU B 215 35.61 10.16 -21.58
C GLU B 215 35.32 8.96 -20.69
N MET B 216 34.48 8.04 -21.17
CA MET B 216 34.11 6.89 -20.33
C MET B 216 35.24 5.86 -20.29
N ALA B 217 36.01 5.72 -21.38
CA ALA B 217 37.23 4.92 -21.30
C ALA B 217 38.21 5.50 -20.28
N GLY B 218 38.30 6.83 -20.22
CA GLY B 218 39.12 7.45 -19.20
C GLY B 218 38.66 7.12 -17.80
N PHE B 219 37.36 7.24 -17.55
CA PHE B 219 36.83 6.86 -16.25
C PHE B 219 37.12 5.41 -15.94
N LEU B 220 37.03 4.51 -16.95
CA LEU B 220 37.28 3.10 -16.71
C LEU B 220 38.72 2.90 -16.28
N HIS B 221 39.63 3.58 -16.96
CA HIS B 221 41.05 3.50 -16.62
C HIS B 221 41.31 4.08 -15.23
N GLN B 222 40.61 5.17 -14.88
CA GLN B 222 40.72 5.70 -13.52
C GLN B 222 40.29 4.65 -12.50
N LEU B 223 39.25 3.88 -12.82
CA LEU B 223 38.72 2.92 -11.85
C LEU B 223 39.70 1.77 -11.64
N ILE B 224 40.33 1.31 -12.73
CA ILE B 224 41.35 0.26 -12.63
C ILE B 224 42.50 0.72 -11.73
N GLU B 225 42.85 2.00 -11.80
CA GLU B 225 44.02 2.52 -11.10
C GLU B 225 43.69 2.96 -9.67
N SER B 226 42.69 2.36 -9.04
CA SER B 226 42.25 2.85 -7.75
C SER B 226 41.98 1.66 -6.83
N ASP B 227 41.74 1.97 -5.55
CA ASP B 227 41.27 1.01 -4.58
C ASP B 227 39.76 1.00 -4.45
N ALA B 228 39.08 1.75 -5.32
CA ALA B 228 37.62 1.84 -5.25
C ALA B 228 37.00 0.61 -5.90
N ILE B 229 35.89 0.16 -5.34
CA ILE B 229 35.18 -0.94 -5.98
C ILE B 229 34.25 -0.45 -7.08
N VAL B 230 33.79 0.79 -7.00
CA VAL B 230 32.75 1.30 -7.87
C VAL B 230 33.20 2.60 -8.50
N GLY B 231 33.09 2.71 -9.82
CA GLY B 231 33.21 4.01 -10.44
C GLY B 231 31.89 4.33 -11.08
N ILE B 232 31.23 5.42 -10.69
CA ILE B 232 29.81 5.62 -11.02
C ILE B 232 29.57 7.08 -11.38
N VAL B 233 28.82 7.32 -12.46
CA VAL B 233 28.40 8.67 -12.78
C VAL B 233 27.15 9.04 -11.98
N ASP B 234 27.19 10.18 -11.31
CA ASP B 234 26.04 10.67 -10.57
C ASP B 234 24.99 11.16 -11.56
N GLY B 235 23.75 10.70 -11.39
CA GLY B 235 22.71 11.07 -12.33
C GLY B 235 22.37 12.55 -12.29
N GLU B 236 22.67 13.20 -11.16
CA GLU B 236 22.25 14.59 -11.01
C GLU B 236 23.37 15.58 -11.33
N THR B 237 24.61 15.25 -10.98
CA THR B 237 25.71 16.15 -11.31
C THR B 237 26.43 15.74 -12.58
N TYR B 238 26.41 14.46 -12.91
CA TYR B 238 27.20 13.85 -13.97
C TYR B 238 28.71 13.93 -13.70
N GLU B 239 29.07 13.96 -12.41
CA GLU B 239 30.46 13.79 -11.99
C GLU B 239 30.75 12.31 -11.87
N PHE B 240 31.97 11.92 -12.22
CA PHE B 240 32.43 10.56 -12.05
C PHE B 240 32.97 10.42 -10.63
N GLU B 241 32.47 9.44 -9.89
CA GLU B 241 32.87 9.21 -8.51
C GLU B 241 33.49 7.82 -8.37
N LEU B 242 34.62 7.76 -7.69
CA LEU B 242 35.23 6.49 -7.31
C LEU B 242 34.87 6.27 -5.85
N ARG B 243 34.19 5.18 -5.56
CA ARG B 243 33.67 5.02 -4.21
C ARG B 243 33.50 3.54 -3.92
N GLY B 244 32.93 3.26 -2.75
CA GLY B 244 32.70 1.90 -2.32
C GLY B 244 31.35 1.43 -2.72
N PRO B 245 31.02 0.21 -2.30
CA PRO B 245 29.77 -0.41 -2.72
C PRO B 245 28.57 0.39 -2.25
N LEU B 246 27.48 0.24 -2.99
CA LEU B 246 26.26 0.98 -2.71
C LEU B 246 25.20 0.12 -2.04
N PHE B 247 25.24 -1.20 -2.23
CA PHE B 247 24.23 -2.11 -1.70
C PHE B 247 24.65 -2.64 -0.35
N ASN B 248 23.65 -3.07 0.41
CA ASN B 248 23.87 -3.62 1.73
C ASN B 248 24.67 -4.91 1.64
N TYR B 249 25.69 -5.02 2.49
CA TYR B 249 26.53 -6.22 2.56
C TYR B 249 26.35 -6.81 3.94
N ALA B 250 25.98 -8.09 4.01
CA ALA B 250 25.69 -8.73 5.27
C ALA B 250 26.92 -9.28 5.95
N GLY B 251 28.09 -8.77 5.61
CA GLY B 251 29.33 -9.13 6.28
C GLY B 251 30.23 -7.91 6.42
N LYS C 4 9.65 3.75 24.47
CA LYS C 4 8.67 3.76 23.40
C LYS C 4 7.37 3.04 23.79
N TYR C 5 6.24 3.75 23.77
CA TYR C 5 4.98 3.20 24.25
C TYR C 5 3.95 3.09 23.12
N THR C 6 3.11 2.08 23.22
CA THR C 6 1.92 1.93 22.39
C THR C 6 0.70 2.13 23.27
N VAL C 7 -0.14 3.09 22.92
CA VAL C 7 -1.34 3.37 23.70
C VAL C 7 -2.50 2.61 23.07
N ILE C 8 -3.22 1.83 23.88
CA ILE C 8 -4.36 1.04 23.43
C ILE C 8 -5.54 1.42 24.31
N THR C 9 -6.50 2.14 23.75
CA THR C 9 -7.74 2.33 24.47
C THR C 9 -8.61 1.10 24.26
N GLY C 10 -9.49 0.83 25.23
CA GLY C 10 -10.30 -0.37 25.20
C GLY C 10 -9.47 -1.61 25.40
N ALA C 11 -8.52 -1.58 26.34
CA ALA C 11 -7.63 -2.72 26.50
C ALA C 11 -8.16 -3.78 27.46
N SER C 12 -9.30 -3.56 28.11
CA SER C 12 -9.85 -4.50 29.09
C SER C 12 -10.30 -5.83 28.51
N SER C 13 -10.60 -5.89 27.21
CA SER C 13 -11.16 -7.10 26.66
C SER C 13 -11.13 -7.01 25.14
N GLY C 14 -11.39 -8.14 24.51
CA GLY C 14 -11.58 -8.11 23.06
C GLY C 14 -10.31 -7.75 22.31
N ILE C 15 -10.49 -7.03 21.20
CA ILE C 15 -9.39 -6.75 20.30
C ILE C 15 -8.25 -6.05 21.04
N GLY C 16 -8.58 -4.98 21.77
CA GLY C 16 -7.54 -4.26 22.48
C GLY C 16 -6.76 -5.13 23.44
N TYR C 17 -7.45 -6.06 24.10
CA TYR C 17 -6.77 -6.92 25.06
C TYR C 17 -5.78 -7.83 24.35
N GLU C 18 -6.22 -8.49 23.28
CA GLU C 18 -5.34 -9.43 22.61
C GLU C 18 -4.25 -8.70 21.87
N THR C 19 -4.54 -7.48 21.43
CA THR C 19 -3.49 -6.65 20.85
C THR C 19 -2.39 -6.40 21.87
N ALA C 20 -2.76 -6.04 23.10
CA ALA C 20 -1.75 -5.78 24.12
C ALA C 20 -0.85 -6.99 24.31
N LYS C 21 -1.46 -8.18 24.38
CA LYS C 21 -0.66 -9.39 24.52
C LYS C 21 0.28 -9.60 23.33
N LEU C 22 -0.24 -9.47 22.10
CA LEU C 22 0.60 -9.67 20.93
C LEU C 22 1.79 -8.73 20.96
N LEU C 23 1.56 -7.44 21.24
CA LEU C 23 2.66 -6.49 21.27
C LEU C 23 3.60 -6.73 22.44
N ALA C 24 3.07 -7.24 23.56
CA ALA C 24 3.95 -7.63 24.65
C ALA C 24 4.97 -8.66 24.17
N GLY C 25 4.53 -9.64 23.38
CA GLY C 25 5.46 -10.63 22.84
C GLY C 25 6.47 -10.06 21.88
N LYS C 26 6.22 -8.88 21.35
CA LYS C 26 7.19 -8.14 20.57
C LYS C 26 8.10 -7.29 21.44
N GLY C 27 7.95 -7.36 22.75
CA GLY C 27 8.79 -6.55 23.61
C GLY C 27 8.38 -5.09 23.69
N LYS C 28 7.17 -4.76 23.25
CA LYS C 28 6.69 -3.37 23.34
C LYS C 28 6.28 -3.04 24.77
N SER C 29 6.35 -1.76 25.09
CA SER C 29 5.81 -1.22 26.32
C SER C 29 4.48 -0.53 26.03
N LEU C 30 3.55 -0.63 26.99
CA LEU C 30 2.15 -0.35 26.71
C LEU C 30 1.57 0.65 27.71
N VAL C 31 0.69 1.51 27.20
CA VAL C 31 -0.24 2.29 28.00
C VAL C 31 -1.61 1.71 27.70
N LEU C 32 -2.25 1.11 28.70
CA LEU C 32 -3.50 0.38 28.51
C LEU C 32 -4.64 1.16 29.17
N VAL C 33 -5.64 1.55 28.40
CA VAL C 33 -6.70 2.44 28.86
C VAL C 33 -8.04 1.74 28.79
N ALA C 34 -8.80 1.82 29.87
CA ALA C 34 -10.18 1.34 29.93
C ALA C 34 -10.70 1.60 31.33
N ARG C 35 -11.96 1.23 31.57
CA ARG C 35 -12.58 1.57 32.83
C ARG C 35 -12.39 0.50 33.90
N ARG C 36 -12.43 -0.77 33.52
CA ARG C 36 -12.31 -1.87 34.49
C ARG C 36 -10.84 -2.03 34.87
N THR C 37 -10.45 -1.46 36.00
CA THR C 37 -9.08 -1.65 36.46
C THR C 37 -8.80 -3.12 36.70
N SER C 38 -9.79 -3.83 37.24
CA SER C 38 -9.68 -5.26 37.54
C SER C 38 -8.99 -6.03 36.40
N GLU C 39 -9.54 -5.90 35.19
CA GLU C 39 -9.02 -6.63 34.03
C GLU C 39 -7.70 -6.05 33.55
N LEU C 40 -7.55 -4.73 33.61
CA LEU C 40 -6.27 -4.13 33.21
C LEU C 40 -5.12 -4.63 34.07
N GLU C 41 -5.37 -4.82 35.37
CA GLU C 41 -4.30 -5.31 36.24
C GLU C 41 -4.00 -6.77 35.94
N LYS C 42 -5.03 -7.58 35.68
CA LYS C 42 -4.78 -8.97 35.26
C LYS C 42 -4.05 -9.01 33.92
N LEU C 43 -4.40 -8.11 33.02
CA LEU C 43 -3.69 -8.08 31.74
C LEU C 43 -2.22 -7.73 31.97
N ARG C 44 -1.93 -6.82 32.88
CA ARG C 44 -0.54 -6.44 33.10
C ARG C 44 0.26 -7.60 33.69
N ASP C 45 -0.40 -8.41 34.52
CA ASP C 45 0.25 -9.60 35.04
C ASP C 45 0.63 -10.53 33.90
N GLU C 46 -0.28 -10.75 32.95
CA GLU C 46 0.04 -11.57 31.78
C GLU C 46 1.17 -10.95 30.96
N VAL C 47 1.19 -9.61 30.88
CA VAL C 47 2.18 -8.94 30.04
C VAL C 47 3.57 -9.03 30.66
N LYS C 48 3.66 -8.96 31.99
CA LYS C 48 4.98 -9.08 32.61
C LYS C 48 5.51 -10.51 32.51
N GLN C 49 4.63 -11.53 32.58
CA GLN C 49 5.11 -12.91 32.42
C GLN C 49 5.49 -13.19 30.97
N ILE C 50 4.84 -12.52 30.01
CA ILE C 50 5.21 -12.69 28.60
C ILE C 50 6.52 -11.97 28.30
N SER C 51 6.70 -10.80 28.92
CA SER C 51 7.71 -9.83 28.50
C SER C 51 8.19 -9.08 29.73
N PRO C 52 9.13 -9.65 30.49
CA PRO C 52 9.54 -9.03 31.76
C PRO C 52 9.87 -7.54 31.70
N ASP C 53 10.57 -7.06 30.67
CA ASP C 53 11.06 -5.69 30.66
C ASP C 53 10.15 -4.74 29.90
N SER C 54 8.99 -5.19 29.39
CA SER C 54 7.96 -4.25 29.00
C SER C 54 7.53 -3.43 30.21
N ASP C 55 7.42 -2.13 30.02
CA ASP C 55 6.75 -1.28 30.98
C ASP C 55 5.27 -1.19 30.62
N VAL C 56 4.40 -1.26 31.63
CA VAL C 56 2.97 -1.25 31.38
C VAL C 56 2.33 -0.24 32.32
N ILE C 57 1.78 0.82 31.76
CA ILE C 57 1.11 1.84 32.53
C ILE C 57 -0.40 1.64 32.35
N LEU C 58 -1.15 1.62 33.44
CA LEU C 58 -2.59 1.52 33.32
C LEU C 58 -3.21 2.88 33.56
N LYS C 59 -4.38 3.09 32.96
CA LYS C 59 -5.16 4.32 33.13
C LYS C 59 -6.62 3.91 33.15
N SER C 60 -7.23 3.89 34.33
CA SER C 60 -8.67 3.64 34.45
C SER C 60 -9.41 4.94 34.13
N VAL C 61 -9.96 5.06 32.92
CA VAL C 61 -10.54 6.31 32.44
C VAL C 61 -11.82 6.01 31.66
N ASP C 62 -12.90 6.74 32.00
CA ASP C 62 -14.09 6.77 31.15
C ASP C 62 -13.86 7.80 30.05
N LEU C 63 -13.69 7.32 28.82
CA LEU C 63 -13.40 8.19 27.69
C LEU C 63 -14.65 8.76 27.05
N ALA C 64 -15.83 8.45 27.58
CA ALA C 64 -17.06 9.07 27.12
C ALA C 64 -17.26 10.45 27.70
N ASP C 65 -16.26 10.99 28.39
CA ASP C 65 -16.21 12.36 28.87
C ASP C 65 -15.06 13.08 28.19
N ASN C 66 -15.35 14.17 27.48
CA ASN C 66 -14.35 14.84 26.64
C ASN C 66 -13.19 15.40 27.47
N GLN C 67 -13.49 15.89 28.67
CA GLN C 67 -12.44 16.37 29.55
C GLN C 67 -11.54 15.22 30.01
N ASN C 68 -12.14 14.05 30.26
CA ASN C 68 -11.37 12.88 30.67
C ASN C 68 -10.33 12.52 29.63
N VAL C 69 -10.70 12.62 28.34
CA VAL C 69 -9.81 12.23 27.24
C VAL C 69 -8.66 13.21 27.09
N HIS C 70 -8.94 14.51 27.22
CA HIS C 70 -7.88 15.50 27.29
C HIS C 70 -6.92 15.19 28.44
N ASP C 71 -7.48 14.90 29.62
CA ASP C 71 -6.65 14.61 30.79
C ASP C 71 -5.75 13.40 30.52
N LEU C 72 -6.34 12.27 30.12
CA LEU C 72 -5.56 11.11 29.69
C LEU C 72 -4.34 11.54 28.90
N TYR C 73 -4.54 12.32 27.82
CA TYR C 73 -3.48 12.60 26.85
C TYR C 73 -2.40 13.52 27.43
N GLU C 74 -2.81 14.54 28.20
CA GLU C 74 -1.82 15.49 28.74
C GLU C 74 -0.99 14.81 29.80
N GLY C 75 -1.59 13.87 30.50
CA GLY C 75 -0.90 12.97 31.41
C GLY C 75 0.04 11.99 30.75
N LEU C 76 0.03 11.89 29.42
CA LEU C 76 1.00 11.06 28.69
C LEU C 76 2.09 11.88 28.04
N LYS C 77 2.12 13.20 28.29
CA LYS C 77 3.00 14.08 27.55
C LYS C 77 4.47 13.87 27.90
N GLU C 78 4.76 13.31 29.07
CA GLU C 78 6.12 12.97 29.44
C GLU C 78 6.53 11.58 28.98
N LEU C 79 5.75 10.95 28.09
CA LEU C 79 6.05 9.64 27.52
C LEU C 79 6.37 9.74 26.04
N ASP C 80 7.20 8.83 25.56
CA ASP C 80 7.52 8.72 24.14
C ASP C 80 6.54 7.72 23.53
N ILE C 81 5.54 8.20 22.80
CA ILE C 81 4.48 7.34 22.28
C ILE C 81 4.74 7.11 20.80
N GLU C 82 4.98 5.86 20.42
CA GLU C 82 5.16 5.60 18.99
C GLU C 82 3.87 5.21 18.31
N THR C 83 2.93 4.58 19.02
CA THR C 83 1.68 4.15 18.42
C THR C 83 0.54 4.46 19.37
N LEU C 84 -0.54 5.04 18.84
CA LEU C 84 -1.81 5.20 19.56
C LEU C 84 -2.93 4.48 18.80
N ILE C 85 -3.70 3.68 19.53
CA ILE C 85 -4.71 2.80 18.94
C ILE C 85 -6.06 3.12 19.56
N ASN C 86 -6.93 3.77 18.79
CA ASN C 86 -8.27 4.15 19.25
C ASN C 86 -9.20 2.97 19.04
N ASN C 87 -9.18 2.07 20.00
CA ASN C 87 -9.92 0.82 19.90
C ASN C 87 -11.21 0.82 20.71
N ALA C 88 -11.26 1.58 21.82
CA ALA C 88 -12.45 1.58 22.65
C ALA C 88 -13.65 2.09 21.86
N GLY C 89 -14.72 1.32 21.90
CA GLY C 89 -15.99 1.68 21.29
C GLY C 89 -17.03 0.69 21.76
N VAL C 90 -18.29 1.04 21.50
CA VAL C 90 -19.41 0.18 21.90
C VAL C 90 -20.44 0.18 20.78
N GLY C 91 -21.28 -0.85 20.76
CA GLY C 91 -22.37 -0.96 19.81
C GLY C 91 -23.75 -0.80 20.44
N ASP C 92 -24.77 -0.86 19.58
CA ASP C 92 -26.18 -0.84 19.99
C ASP C 92 -27.02 -1.42 18.87
N PHE C 93 -27.86 -2.40 19.21
CA PHE C 93 -28.80 -2.98 18.27
C PHE C 93 -30.20 -2.61 18.68
N ASP C 94 -30.89 -1.89 17.80
CA ASP C 94 -32.28 -1.52 17.92
C ASP C 94 -32.64 -0.47 16.88
N LEU C 95 -33.93 -0.40 16.51
CA LEU C 95 -34.42 0.65 15.63
C LEU C 95 -34.16 2.00 16.26
N VAL C 96 -34.04 3.04 15.42
CA VAL C 96 -33.81 4.40 15.94
C VAL C 96 -34.98 4.83 16.81
N GLN C 97 -36.21 4.44 16.44
CA GLN C 97 -37.38 4.80 17.23
C GLN C 97 -37.38 4.17 18.62
N ASP C 98 -36.50 3.19 18.89
CA ASP C 98 -36.51 2.50 20.18
C ASP C 98 -35.29 2.81 21.03
N ILE C 99 -34.30 3.54 20.50
CA ILE C 99 -33.04 3.67 21.23
C ILE C 99 -33.26 4.36 22.58
N GLU C 100 -32.26 4.23 23.44
CA GLU C 100 -32.18 4.95 24.70
C GLU C 100 -31.12 6.01 24.53
N LEU C 101 -31.54 7.28 24.43
CA LEU C 101 -30.63 8.35 24.01
C LEU C 101 -29.39 8.45 24.91
N GLY C 102 -29.52 8.14 26.19
CA GLY C 102 -28.37 8.28 27.08
C GLY C 102 -27.25 7.35 26.68
N LYS C 103 -27.60 6.13 26.30
CA LYS C 103 -26.59 5.19 25.81
C LYS C 103 -26.05 5.63 24.46
N ILE C 104 -26.95 6.04 23.56
CA ILE C 104 -26.53 6.44 22.22
C ILE C 104 -25.70 7.72 22.26
N GLU C 105 -26.08 8.69 23.11
CA GLU C 105 -25.26 9.88 23.29
C GLU C 105 -23.89 9.53 23.86
N LYS C 106 -23.83 8.52 24.73
CA LYS C 106 -22.56 8.05 25.27
C LYS C 106 -21.75 7.30 24.22
N MET C 107 -22.46 6.62 23.30
CA MET C 107 -21.79 5.98 22.18
C MET C 107 -21.12 7.00 21.28
N LEU C 108 -21.82 8.09 20.97
CA LEU C 108 -21.22 9.12 20.13
C LEU C 108 -19.98 9.70 20.82
N ARG C 109 -20.06 9.95 22.11
CA ARG C 109 -18.95 10.59 22.80
C ARG C 109 -17.73 9.69 22.84
N LEU C 110 -17.94 8.37 22.84
CA LEU C 110 -16.82 7.43 22.85
C LEU C 110 -16.36 7.07 21.43
N ASN C 111 -17.29 6.54 20.62
CA ASN C 111 -16.90 6.08 19.29
C ASN C 111 -16.35 7.20 18.42
N ILE C 112 -16.84 8.43 18.59
CA ILE C 112 -16.54 9.53 17.68
C ILE C 112 -15.58 10.54 18.32
N GLU C 113 -16.00 11.17 19.41
CA GLU C 113 -15.25 12.29 19.98
C GLU C 113 -13.94 11.85 20.60
N ALA C 114 -13.99 10.93 21.56
CA ALA C 114 -12.75 10.47 22.18
C ALA C 114 -11.73 10.17 21.11
N LEU C 115 -12.14 9.40 20.10
CA LEU C 115 -11.23 9.02 19.03
C LEU C 115 -10.74 10.25 18.29
N THR C 116 -11.63 11.23 18.09
CA THR C 116 -11.26 12.42 17.33
C THR C 116 -10.36 13.34 18.14
N ILE C 117 -10.55 13.39 19.46
CA ILE C 117 -9.67 14.20 20.29
C ILE C 117 -8.29 13.59 20.34
N LEU C 118 -8.20 12.27 20.58
CA LEU C 118 -6.89 11.62 20.67
C LEU C 118 -6.18 11.59 19.32
N SER C 119 -6.93 11.37 18.23
CA SER C 119 -6.33 11.42 16.89
C SER C 119 -5.80 12.81 16.60
N SER C 120 -6.57 13.82 16.98
CA SER C 120 -6.20 15.19 16.69
C SER C 120 -4.98 15.60 17.51
N LEU C 121 -4.95 15.21 18.79
CA LEU C 121 -3.84 15.58 19.66
C LEU C 121 -2.57 14.84 19.30
N PHE C 122 -2.66 13.54 19.07
CA PHE C 122 -1.52 12.77 18.56
C PHE C 122 -0.98 13.37 17.26
N ALA C 123 -1.87 13.74 16.31
CA ALA C 123 -1.38 14.25 15.03
C ALA C 123 -0.72 15.61 15.19
N ARG C 124 -1.21 16.44 16.11
CA ARG C 124 -0.58 17.73 16.31
C ARG C 124 0.88 17.55 16.75
N ASP C 125 1.13 16.64 17.71
CA ASP C 125 2.48 16.54 18.27
C ASP C 125 3.35 15.49 17.59
N HIS C 126 2.82 14.69 16.65
CA HIS C 126 3.58 13.56 16.13
C HIS C 126 3.66 13.53 14.62
N HIS C 127 3.09 14.50 13.92
CA HIS C 127 3.01 14.37 12.48
C HIS C 127 4.40 14.36 11.83
N ASP C 128 5.36 15.09 12.41
CA ASP C 128 6.72 15.16 11.85
C ASP C 128 7.71 14.32 12.65
N ILE C 129 7.26 13.29 13.37
CA ILE C 129 8.12 12.47 14.19
C ILE C 129 8.17 11.09 13.56
N GLU C 130 9.37 10.60 13.27
CA GLU C 130 9.47 9.38 12.46
C GLU C 130 9.17 8.13 13.27
N GLY C 131 8.52 7.15 12.62
CA GLY C 131 8.19 5.92 13.32
C GLY C 131 6.90 5.95 14.11
N THR C 132 6.05 6.93 13.87
CA THR C 132 4.78 7.04 14.57
C THR C 132 3.65 6.50 13.70
N THR C 133 2.60 6.01 14.38
CA THR C 133 1.47 5.40 13.72
C THR C 133 0.21 5.66 14.53
N LEU C 134 -0.88 5.99 13.84
CA LEU C 134 -2.20 6.11 14.46
C LEU C 134 -3.14 5.08 13.83
N VAL C 135 -3.80 4.29 14.67
CA VAL C 135 -4.68 3.21 14.23
C VAL C 135 -6.05 3.39 14.85
N ASN C 136 -7.02 3.75 14.03
CA ASN C 136 -8.40 3.89 14.45
C ASN C 136 -9.16 2.64 14.05
N ILE C 137 -9.87 2.04 15.00
CA ILE C 137 -10.64 0.83 14.73
C ILE C 137 -12.04 1.24 14.30
N SER C 138 -12.35 0.98 13.03
CA SER C 138 -13.71 1.17 12.53
C SER C 138 -14.45 -0.16 12.56
N SER C 139 -15.06 -0.52 11.44
CA SER C 139 -15.72 -1.81 11.31
C SER C 139 -16.17 -1.92 9.86
N LEU C 140 -16.40 -3.15 9.41
CA LEU C 140 -17.09 -3.34 8.13
C LEU C 140 -18.40 -2.58 8.13
N GLY C 141 -19.01 -2.41 9.31
CA GLY C 141 -20.18 -1.58 9.49
C GLY C 141 -19.91 -0.11 9.29
N GLY C 142 -18.64 0.27 9.17
CA GLY C 142 -18.28 1.61 8.78
C GLY C 142 -18.06 1.80 7.32
N TYR C 143 -18.20 0.75 6.51
CA TYR C 143 -18.22 0.86 5.07
C TYR C 143 -19.50 0.37 4.45
N MET C 144 -20.37 -0.29 5.23
CA MET C 144 -21.61 -0.87 4.77
C MET C 144 -22.62 -0.76 5.90
N ILE C 145 -23.85 -0.37 5.58
CA ILE C 145 -24.84 -0.11 6.63
C ILE C 145 -25.51 -1.43 7.02
N VAL C 146 -25.73 -1.62 8.31
CA VAL C 146 -26.21 -2.88 8.85
C VAL C 146 -27.59 -2.66 9.49
N PRO C 147 -28.65 -3.32 9.02
CA PRO C 147 -29.99 -3.09 9.58
C PRO C 147 -30.00 -3.33 11.09
N ASN C 148 -30.78 -2.53 11.79
CA ASN C 148 -30.91 -2.60 13.23
C ASN C 148 -29.66 -2.10 13.95
N ALA C 149 -28.71 -1.47 13.26
CA ALA C 149 -27.58 -0.83 13.93
C ALA C 149 -27.19 0.46 13.21
N VAL C 150 -28.19 1.25 12.82
CA VAL C 150 -27.96 2.44 12.02
C VAL C 150 -27.06 3.45 12.75
N THR C 151 -27.36 3.74 14.02
CA THR C 151 -26.61 4.80 14.70
C THR C 151 -25.15 4.42 14.91
N TYR C 152 -24.88 3.15 15.27
CA TYR C 152 -23.50 2.71 15.48
C TYR C 152 -22.73 2.70 14.17
N CYS C 153 -23.37 2.22 13.10
CA CYS C 153 -22.74 2.21 11.80
C CYS C 153 -22.35 3.63 11.42
N ALA C 154 -23.22 4.58 11.70
CA ALA C 154 -22.92 5.96 11.36
C ALA C 154 -21.74 6.49 12.18
N THR C 155 -21.49 5.95 13.39
CA THR C 155 -20.27 6.36 14.09
C THR C 155 -19.04 5.77 13.42
N LYS C 156 -19.18 4.59 12.81
CA LYS C 156 -18.06 3.95 12.13
C LYS C 156 -17.85 4.52 10.74
N PHE C 157 -18.91 5.00 10.06
CA PHE C 157 -18.69 5.75 8.84
C PHE C 157 -17.88 6.99 9.13
N TYR C 158 -18.17 7.65 10.25
CA TYR C 158 -17.33 8.76 10.71
C TYR C 158 -15.89 8.31 10.86
N VAL C 159 -15.66 7.17 11.51
CA VAL C 159 -14.30 6.74 11.84
C VAL C 159 -13.54 6.39 10.59
N SER C 160 -14.17 5.63 9.68
CA SER C 160 -13.59 5.35 8.38
C SER C 160 -13.28 6.63 7.63
N ALA C 161 -14.25 7.54 7.54
CA ALA C 161 -14.06 8.68 6.65
C ALA C 161 -13.05 9.65 7.25
N TYR C 162 -13.07 9.84 8.56
CA TYR C 162 -12.07 10.66 9.22
C TYR C 162 -10.67 10.09 9.00
N THR C 163 -10.51 8.77 9.25
CA THR C 163 -9.18 8.16 9.20
C THR C 163 -8.67 8.03 7.78
N GLU C 164 -9.57 7.77 6.84
CA GLU C 164 -9.19 7.80 5.43
C GLU C 164 -8.83 9.22 5.00
N GLY C 165 -9.56 10.22 5.50
CA GLY C 165 -9.22 11.60 5.18
C GLY C 165 -7.92 12.06 5.82
N LEU C 166 -7.68 11.66 7.08
CA LEU C 166 -6.47 12.05 7.80
C LEU C 166 -5.24 11.38 7.20
N ALA C 167 -5.33 10.06 6.94
CA ALA C 167 -4.25 9.34 6.29
C ALA C 167 -3.83 10.05 5.01
N GLN C 168 -4.78 10.32 4.11
CA GLN C 168 -4.36 10.91 2.84
C GLN C 168 -3.80 12.32 3.04
N GLU C 169 -4.28 13.04 4.07
CA GLU C 169 -3.74 14.37 4.36
C GLU C 169 -2.27 14.29 4.73
N LEU C 170 -1.92 13.34 5.60
CA LEU C 170 -0.55 13.17 6.04
C LEU C 170 0.35 12.72 4.89
N GLN C 171 -0.14 11.85 4.00
CA GLN C 171 0.66 11.42 2.86
C GLN C 171 0.95 12.59 1.93
N LYS C 172 -0.10 13.27 1.46
CA LYS C 172 0.08 14.41 0.56
C LYS C 172 0.88 15.52 1.21
N GLY C 173 0.86 15.61 2.52
CA GLY C 173 1.73 16.59 3.13
C GLY C 173 3.12 16.10 3.47
N GLY C 174 3.44 14.86 3.15
CA GLY C 174 4.77 14.37 3.47
C GLY C 174 5.02 14.20 4.96
N ALA C 175 4.01 13.74 5.70
CA ALA C 175 4.22 13.54 7.13
C ALA C 175 5.03 12.27 7.37
N LYS C 176 5.64 12.22 8.56
CA LYS C 176 6.27 10.98 9.02
C LYS C 176 5.25 10.06 9.67
N LEU C 177 4.22 10.64 10.30
CA LEU C 177 3.19 9.86 10.98
C LEU C 177 2.30 9.17 9.94
N ARG C 178 2.01 7.88 10.17
CA ARG C 178 1.10 7.13 9.32
C ARG C 178 -0.18 6.86 10.08
N ALA C 179 -1.32 7.05 9.41
CA ALA C 179 -2.63 6.85 10.04
C ALA C 179 -3.36 5.75 9.29
N LYS C 180 -3.96 4.84 10.03
CA LYS C 180 -4.54 3.63 9.46
C LYS C 180 -5.86 3.33 10.15
N VAL C 181 -6.77 2.67 9.42
CA VAL C 181 -8.08 2.29 9.95
C VAL C 181 -8.25 0.79 9.82
N LEU C 182 -8.68 0.15 10.90
CA LEU C 182 -9.02 -1.26 10.90
C LEU C 182 -10.52 -1.43 10.82
N ALA C 183 -10.96 -2.36 9.98
CA ALA C 183 -12.38 -2.61 9.74
C ALA C 183 -12.67 -4.09 9.90
N PRO C 184 -12.76 -4.56 11.15
CA PRO C 184 -13.05 -5.98 11.38
C PRO C 184 -14.47 -6.32 10.98
N ALA C 185 -14.72 -7.61 10.75
CA ALA C 185 -16.10 -8.08 10.69
C ALA C 185 -16.42 -8.73 12.02
N ALA C 186 -17.27 -9.74 12.04
CA ALA C 186 -17.68 -10.32 13.31
C ALA C 186 -16.46 -10.90 14.01
N THR C 187 -16.23 -10.47 15.23
CA THR C 187 -15.05 -10.85 16.00
C THR C 187 -15.53 -11.29 17.38
N GLU C 188 -15.06 -12.45 17.83
CA GLU C 188 -15.55 -13.02 19.07
C GLU C 188 -15.05 -12.25 20.28
N THR C 189 -15.87 -11.34 20.81
CA THR C 189 -15.52 -10.47 21.92
C THR C 189 -16.76 -10.27 22.78
N GLU C 190 -16.66 -9.37 23.76
CA GLU C 190 -17.80 -8.99 24.58
C GLU C 190 -18.72 -8.02 23.87
N PHE C 191 -18.36 -7.59 22.66
CA PHE C 191 -18.99 -6.45 22.02
C PHE C 191 -20.50 -6.61 21.94
N VAL C 192 -20.97 -7.78 21.46
CA VAL C 192 -22.39 -7.97 21.22
C VAL C 192 -23.16 -7.92 22.52
N ASP C 193 -22.62 -8.54 23.57
CA ASP C 193 -23.30 -8.62 24.85
C ASP C 193 -23.47 -7.25 25.50
N ARG C 194 -22.45 -6.41 25.41
CA ARG C 194 -22.57 -5.03 25.85
C ARG C 194 -23.59 -4.28 25.01
N ALA C 195 -23.56 -4.50 23.69
CA ALA C 195 -24.47 -3.78 22.82
C ALA C 195 -25.93 -4.18 23.08
N ARG C 196 -26.19 -5.49 23.16
CA ARG C 196 -27.51 -5.99 23.51
C ARG C 196 -27.83 -5.86 25.01
N GLY C 197 -26.83 -5.52 25.84
CA GLY C 197 -27.09 -5.25 27.24
C GLY C 197 -27.28 -6.46 28.13
N GLU C 198 -27.11 -7.67 27.59
CA GLU C 198 -27.25 -8.91 28.34
C GLU C 198 -26.23 -9.92 27.83
N ALA C 199 -25.65 -10.65 28.78
CA ALA C 199 -24.54 -11.56 28.53
C ALA C 199 -25.02 -12.87 27.91
N GLY C 200 -24.06 -13.61 27.34
CA GLY C 200 -24.29 -14.98 26.92
C GLY C 200 -24.25 -15.22 25.43
N PHE C 201 -24.18 -14.19 24.60
CA PHE C 201 -24.20 -14.40 23.16
C PHE C 201 -23.01 -15.27 22.79
N ASP C 202 -23.27 -16.35 22.04
CA ASP C 202 -22.20 -17.28 21.67
C ASP C 202 -22.03 -17.33 20.16
N PHE C 203 -20.90 -16.77 19.72
CA PHE C 203 -20.52 -16.74 18.31
C PHE C 203 -20.53 -18.14 17.68
N SER C 204 -19.82 -19.09 18.32
CA SER C 204 -19.80 -20.50 17.93
C SER C 204 -21.20 -21.00 17.52
N LYS C 205 -22.25 -20.60 18.27
CA LYS C 205 -23.60 -21.15 18.06
C LYS C 205 -24.45 -20.28 17.13
N ALA C 206 -24.25 -18.95 17.14
CA ALA C 206 -25.14 -18.02 16.46
C ALA C 206 -24.50 -17.29 15.27
N VAL C 207 -23.17 -17.35 15.09
CA VAL C 207 -22.49 -16.67 13.99
C VAL C 207 -21.77 -17.68 13.11
N LYS C 208 -22.05 -17.62 11.81
CA LYS C 208 -21.50 -18.61 10.90
C LYS C 208 -20.03 -18.33 10.58
N LYS C 209 -19.62 -17.06 10.52
CA LYS C 209 -18.24 -16.74 10.21
C LYS C 209 -17.76 -15.60 11.10
N TYR C 210 -16.62 -15.78 11.76
CA TYR C 210 -16.07 -14.78 12.65
C TYR C 210 -14.60 -15.07 12.90
N HIS C 211 -13.84 -14.02 13.19
CA HIS C 211 -12.47 -14.15 13.65
C HIS C 211 -12.41 -14.15 15.18
N THR C 212 -11.35 -14.74 15.72
CA THR C 212 -11.11 -14.65 17.16
C THR C 212 -10.47 -13.30 17.45
N ALA C 213 -10.39 -12.94 18.73
CA ALA C 213 -9.78 -11.66 19.06
C ALA C 213 -8.30 -11.69 18.75
N ALA C 214 -7.66 -12.85 18.95
CA ALA C 214 -6.26 -13.04 18.62
C ALA C 214 -6.04 -12.91 17.11
N GLU C 215 -6.93 -13.47 16.31
CA GLU C 215 -6.78 -13.30 14.87
C GLU C 215 -6.88 -11.83 14.50
N MET C 216 -7.74 -11.09 15.19
CA MET C 216 -7.93 -9.69 14.85
C MET C 216 -6.79 -8.83 15.38
N ALA C 217 -6.21 -9.20 16.52
CA ALA C 217 -4.97 -8.57 16.91
C ALA C 217 -3.89 -8.82 15.87
N GLY C 218 -3.86 -10.03 15.30
CA GLY C 218 -2.87 -10.35 14.29
C GLY C 218 -3.03 -9.51 13.04
N PHE C 219 -4.27 -9.28 12.62
CA PHE C 219 -4.50 -8.41 11.48
C PHE C 219 -4.13 -6.97 11.81
N LEU C 220 -4.44 -6.53 13.03
CA LEU C 220 -4.10 -5.16 13.44
C LEU C 220 -2.60 -4.96 13.39
N HIS C 221 -1.84 -5.95 13.84
CA HIS C 221 -0.40 -5.82 13.82
C HIS C 221 0.14 -5.77 12.40
N GLN C 222 -0.40 -6.59 11.50
CA GLN C 222 0.04 -6.54 10.11
C GLN C 222 -0.34 -5.22 9.44
N LEU C 223 -1.46 -4.63 9.86
CA LEU C 223 -1.81 -3.31 9.34
C LEU C 223 -0.77 -2.28 9.73
N ILE C 224 -0.29 -2.34 10.98
CA ILE C 224 0.78 -1.44 11.42
C ILE C 224 2.03 -1.67 10.58
N GLU C 225 2.35 -2.94 10.32
CA GLU C 225 3.42 -3.34 9.43
C GLU C 225 2.99 -3.22 7.97
N SER C 226 2.41 -2.11 7.53
CA SER C 226 1.97 -2.10 6.14
C SER C 226 2.13 -0.73 5.50
N ASP C 227 2.15 -0.76 4.17
CA ASP C 227 1.88 0.37 3.30
C ASP C 227 0.49 0.94 3.53
N ALA C 228 -0.44 0.13 4.00
CA ALA C 228 -1.84 0.35 3.65
C ALA C 228 -2.51 1.31 4.62
N ILE C 229 -3.54 2.01 4.10
CA ILE C 229 -4.36 2.84 4.96
C ILE C 229 -5.47 2.03 5.62
N VAL C 230 -6.02 1.04 4.92
CA VAL C 230 -7.18 0.29 5.38
C VAL C 230 -6.82 -1.18 5.54
N GLY C 231 -7.18 -1.75 6.70
CA GLY C 231 -7.19 -3.18 6.85
C GLY C 231 -8.61 -3.65 7.08
N ILE C 232 -9.19 -4.41 6.16
CA ILE C 232 -10.63 -4.63 6.11
C ILE C 232 -10.93 -6.10 5.86
N VAL C 233 -11.84 -6.67 6.65
CA VAL C 233 -12.27 -8.05 6.46
C VAL C 233 -13.37 -8.08 5.43
N ASP C 234 -13.26 -8.98 4.45
CA ASP C 234 -14.32 -9.12 3.46
C ASP C 234 -15.51 -9.81 4.11
N GLY C 235 -16.70 -9.22 3.97
CA GLY C 235 -17.87 -9.77 4.62
C GLY C 235 -18.33 -11.10 4.04
N GLU C 236 -17.99 -11.37 2.78
CA GLU C 236 -18.34 -12.64 2.16
C GLU C 236 -17.28 -13.72 2.46
N THR C 237 -16.01 -13.49 2.11
CA THR C 237 -14.98 -14.51 2.29
C THR C 237 -14.38 -14.52 3.69
N TYR C 238 -14.45 -13.41 4.41
CA TYR C 238 -13.77 -13.18 5.69
C TYR C 238 -12.24 -13.26 5.54
N GLU C 239 -11.73 -12.87 4.37
CA GLU C 239 -10.31 -12.64 4.13
C GLU C 239 -9.98 -11.22 4.56
N PHE C 240 -8.86 -11.07 5.24
CA PHE C 240 -8.37 -9.77 5.65
C PHE C 240 -7.56 -9.18 4.50
N GLU C 241 -7.92 -7.97 4.08
CA GLU C 241 -7.26 -7.29 2.97
C GLU C 241 -6.66 -5.97 3.41
N LEU C 242 -5.39 -5.77 3.10
CA LEU C 242 -4.73 -4.50 3.30
C LEU C 242 -4.86 -3.76 1.98
N ARG C 243 -5.45 -2.57 2.00
CA ARG C 243 -5.69 -1.88 0.75
C ARG C 243 -5.81 -0.39 1.03
N GLY C 244 -6.16 0.36 -0.03
CA GLY C 244 -6.27 1.80 0.06
C GLY C 244 -7.69 2.23 0.34
N PRO C 245 -7.89 3.56 0.35
CA PRO C 245 -9.14 4.11 0.86
C PRO C 245 -10.32 3.64 0.04
N LEU C 246 -11.49 3.59 0.70
CA LEU C 246 -12.70 3.13 0.03
C LEU C 246 -13.60 4.26 -0.44
N PHE C 247 -13.46 5.45 0.13
CA PHE C 247 -14.38 6.53 -0.17
C PHE C 247 -13.81 7.45 -1.23
N ASN C 248 -14.71 8.20 -1.87
CA ASN C 248 -14.33 9.31 -2.73
C ASN C 248 -13.30 10.20 -2.03
N TYR C 249 -12.21 10.54 -2.74
CA TYR C 249 -11.27 11.57 -2.32
C TYR C 249 -11.15 12.61 -3.44
N ALA C 250 -11.41 13.87 -3.10
CA ALA C 250 -11.32 14.97 -4.07
C ALA C 250 -9.88 15.52 -4.12
N GLY C 251 -8.97 14.60 -4.44
CA GLY C 251 -7.54 14.85 -4.53
C GLY C 251 -6.86 13.80 -5.37
N HIS D 1 -57.51 27.69 13.51
CA HIS D 1 -56.70 27.53 14.73
C HIS D 1 -55.62 26.41 14.67
N HIS D 2 -55.98 25.15 14.41
CA HIS D 2 -55.03 24.05 14.60
C HIS D 2 -53.96 24.00 13.49
N HIS D 3 -52.70 24.09 13.88
CA HIS D 3 -51.59 24.20 12.92
C HIS D 3 -50.64 23.02 12.99
N LYS D 4 -50.23 22.54 11.82
CA LYS D 4 -49.07 21.66 11.70
C LYS D 4 -47.83 22.52 11.43
N TYR D 5 -46.73 22.20 12.14
CA TYR D 5 -45.48 22.96 12.09
C TYR D 5 -44.39 22.24 11.29
N THR D 6 -43.42 23.04 10.84
CA THR D 6 -42.18 22.62 10.20
C THR D 6 -41.05 23.18 11.05
N VAL D 7 -40.19 22.32 11.59
CA VAL D 7 -39.12 22.75 12.48
C VAL D 7 -37.83 22.83 11.68
N ILE D 8 -37.16 23.98 11.73
CA ILE D 8 -35.97 24.26 10.94
C ILE D 8 -34.87 24.70 11.88
N THR D 9 -33.89 23.85 12.16
CA THR D 9 -32.75 24.33 12.92
C THR D 9 -31.78 25.00 11.98
N GLY D 10 -31.05 25.99 12.48
CA GLY D 10 -30.25 26.83 11.62
C GLY D 10 -31.08 27.75 10.75
N ALA D 11 -32.14 28.33 11.29
CA ALA D 11 -33.02 29.14 10.45
C ALA D 11 -32.55 30.60 10.29
N SER D 12 -31.52 31.06 11.00
CA SER D 12 -31.32 32.50 11.03
C SER D 12 -30.53 33.02 9.84
N SER D 13 -30.18 32.18 8.86
CA SER D 13 -29.39 32.59 7.69
C SER D 13 -29.18 31.39 6.77
N GLY D 14 -28.78 31.66 5.55
CA GLY D 14 -28.33 30.56 4.70
C GLY D 14 -29.48 29.71 4.22
N ILE D 15 -29.19 28.43 4.00
CA ILE D 15 -30.21 27.49 3.53
C ILE D 15 -31.46 27.54 4.42
N GLY D 16 -31.28 27.29 5.73
CA GLY D 16 -32.42 27.29 6.63
C GLY D 16 -33.28 28.53 6.50
N TYR D 17 -32.65 29.69 6.36
CA TYR D 17 -33.39 30.95 6.25
C TYR D 17 -34.22 30.98 4.98
N GLU D 18 -33.62 30.60 3.84
CA GLU D 18 -34.36 30.60 2.58
C GLU D 18 -35.39 29.49 2.53
N THR D 19 -35.14 28.40 3.23
CA THR D 19 -36.13 27.35 3.36
C THR D 19 -37.37 27.88 4.04
N ALA D 20 -37.17 28.64 5.13
CA ALA D 20 -38.29 29.14 5.92
C ALA D 20 -39.20 29.99 5.07
N LYS D 21 -38.63 30.86 4.22
CA LYS D 21 -39.44 31.73 3.38
C LYS D 21 -40.11 30.95 2.27
N LEU D 22 -39.41 29.99 1.69
CA LEU D 22 -40.06 29.17 0.68
C LEU D 22 -41.30 28.50 1.26
N LEU D 23 -41.14 27.81 2.40
CA LEU D 23 -42.29 27.13 2.97
C LEU D 23 -43.35 28.14 3.41
N ALA D 24 -42.94 29.36 3.80
CA ALA D 24 -43.93 30.40 4.07
C ALA D 24 -44.82 30.60 2.85
N GLY D 25 -44.22 30.83 1.68
CA GLY D 25 -44.98 30.99 0.46
C GLY D 25 -45.90 29.82 0.17
N LYS D 26 -45.69 28.68 0.82
CA LYS D 26 -46.61 27.56 0.72
C LYS D 26 -47.61 27.53 1.85
N GLY D 27 -47.66 28.56 2.69
CA GLY D 27 -48.65 28.52 3.75
C GLY D 27 -48.28 27.67 4.94
N LYS D 28 -47.04 27.20 5.03
CA LYS D 28 -46.62 26.47 6.22
C LYS D 28 -46.49 27.42 7.41
N SER D 29 -46.75 26.88 8.61
CA SER D 29 -46.31 27.46 9.87
C SER D 29 -45.02 26.76 10.31
N LEU D 30 -44.15 27.52 11.02
CA LEU D 30 -42.75 27.15 11.22
C LEU D 30 -42.32 27.29 12.67
N VAL D 31 -41.37 26.46 13.10
CA VAL D 31 -40.61 26.69 14.32
C VAL D 31 -39.17 26.92 13.91
N LEU D 32 -38.68 28.13 14.12
CA LEU D 32 -37.38 28.55 13.62
C LEU D 32 -36.40 28.55 14.77
N VAL D 33 -35.31 27.78 14.63
CA VAL D 33 -34.35 27.58 15.72
C VAL D 33 -32.96 28.01 15.31
N ALA D 34 -32.35 28.86 16.13
CA ALA D 34 -30.99 29.33 15.88
C ALA D 34 -30.62 30.17 17.09
N ARG D 35 -29.36 30.63 17.11
CA ARG D 35 -28.93 31.34 18.31
C ARG D 35 -29.27 32.82 18.24
N ARG D 36 -29.16 33.44 17.07
CA ARG D 36 -29.28 34.89 16.90
C ARG D 36 -30.75 35.25 16.83
N THR D 37 -31.33 35.57 17.99
CA THR D 37 -32.70 36.07 18.07
C THR D 37 -32.91 37.23 17.10
N SER D 38 -32.05 38.23 17.20
CA SER D 38 -31.81 39.22 16.15
C SER D 38 -32.37 38.78 14.78
N GLU D 39 -31.73 37.82 14.11
CA GLU D 39 -32.09 37.51 12.73
C GLU D 39 -33.38 36.67 12.67
N LEU D 40 -33.63 35.88 13.70
CA LEU D 40 -34.83 35.07 13.76
C LEU D 40 -36.07 35.94 13.74
N GLU D 41 -36.02 37.07 14.46
CA GLU D 41 -37.14 38.01 14.41
C GLU D 41 -37.20 38.69 13.06
N LYS D 42 -36.06 39.14 12.53
CA LYS D 42 -36.06 39.67 11.18
C LYS D 42 -36.69 38.66 10.21
N LEU D 43 -36.41 37.37 10.40
CA LEU D 43 -36.97 36.40 9.46
C LEU D 43 -38.47 36.29 9.62
N ARG D 44 -38.95 36.18 10.87
CA ARG D 44 -40.38 36.10 11.13
C ARG D 44 -41.12 37.25 10.47
N ASP D 45 -40.57 38.46 10.55
CA ASP D 45 -41.22 39.59 9.92
C ASP D 45 -41.42 39.35 8.45
N GLU D 46 -40.40 38.77 7.78
CA GLU D 46 -40.55 38.42 6.37
C GLU D 46 -41.57 37.32 6.19
N VAL D 47 -41.62 36.37 7.12
CA VAL D 47 -42.55 35.28 6.93
C VAL D 47 -43.98 35.80 7.02
N LYS D 48 -44.26 36.75 7.94
CA LYS D 48 -45.63 37.26 8.10
C LYS D 48 -46.05 38.05 6.87
N GLN D 49 -45.10 38.77 6.28
CA GLN D 49 -45.34 39.52 5.06
C GLN D 49 -45.67 38.59 3.91
N ILE D 50 -44.98 37.46 3.80
CA ILE D 50 -45.24 36.51 2.72
C ILE D 50 -46.53 35.76 2.98
N SER D 51 -46.78 35.42 4.24
CA SER D 51 -47.83 34.47 4.61
C SER D 51 -48.49 34.92 5.91
N PRO D 52 -49.39 35.91 5.85
CA PRO D 52 -50.00 36.48 7.08
C PRO D 52 -50.43 35.43 8.10
N ASP D 53 -51.11 34.37 7.66
CA ASP D 53 -51.75 33.39 8.56
C ASP D 53 -50.81 32.29 9.06
N SER D 54 -49.61 32.16 8.48
CA SER D 54 -48.57 31.30 9.05
C SER D 54 -48.29 31.64 10.52
N ASP D 55 -48.30 30.63 11.41
CA ASP D 55 -47.75 30.83 12.75
C ASP D 55 -46.24 30.66 12.67
N VAL D 56 -45.53 31.41 13.52
CA VAL D 56 -44.08 31.41 13.52
C VAL D 56 -43.62 31.51 14.96
N ILE D 57 -43.22 30.37 15.54
CA ILE D 57 -42.57 30.28 16.85
C ILE D 57 -41.07 30.38 16.63
N LEU D 58 -40.38 31.16 17.48
CA LEU D 58 -38.93 31.29 17.47
C LEU D 58 -38.35 30.71 18.75
N LYS D 59 -37.19 30.05 18.63
CA LYS D 59 -36.50 29.36 19.74
C LYS D 59 -35.01 29.63 19.60
N SER D 60 -34.51 30.58 20.40
CA SER D 60 -33.09 30.92 20.45
C SER D 60 -32.41 29.86 21.30
N VAL D 61 -31.59 29.04 20.66
CA VAL D 61 -31.10 27.84 21.34
C VAL D 61 -29.72 27.56 20.80
N ASP D 62 -28.79 27.26 21.70
CA ASP D 62 -27.50 26.73 21.28
C ASP D 62 -27.62 25.20 21.25
N LEU D 63 -27.61 24.64 20.05
CA LEU D 63 -27.80 23.19 19.94
C LEU D 63 -26.49 22.43 20.13
N ALA D 64 -25.40 23.11 20.40
CA ALA D 64 -24.17 22.41 20.70
C ALA D 64 -24.09 21.95 22.16
N ASP D 65 -25.16 22.08 22.93
CA ASP D 65 -25.31 21.46 24.25
C ASP D 65 -26.44 20.42 24.17
N ASN D 66 -26.14 19.19 24.55
CA ASN D 66 -27.11 18.10 24.37
C ASN D 66 -28.35 18.31 25.22
N GLN D 67 -28.18 18.90 26.41
CA GLN D 67 -29.36 19.15 27.23
C GLN D 67 -30.26 20.15 26.54
N ASN D 68 -29.68 21.21 25.96
CA ASN D 68 -30.48 22.21 25.27
C ASN D 68 -31.32 21.59 24.17
N VAL D 69 -30.71 20.70 23.36
CA VAL D 69 -31.45 20.05 22.29
C VAL D 69 -32.66 19.29 22.86
N HIS D 70 -32.44 18.48 23.91
CA HIS D 70 -33.57 17.82 24.56
C HIS D 70 -34.61 18.83 25.02
N ASP D 71 -34.17 19.92 25.66
CA ASP D 71 -35.16 20.90 26.15
C ASP D 71 -35.95 21.47 24.97
N LEU D 72 -35.26 21.91 23.92
CA LEU D 72 -35.93 22.36 22.69
C LEU D 72 -37.02 21.40 22.27
N TYR D 73 -36.75 20.09 22.34
CA TYR D 73 -37.73 19.14 21.83
C TYR D 73 -38.89 18.98 22.79
N GLU D 74 -38.63 18.62 24.06
CA GLU D 74 -39.69 18.55 25.08
C GLU D 74 -40.65 19.73 24.99
N GLY D 75 -40.10 20.95 24.88
CA GLY D 75 -40.94 22.15 24.76
C GLY D 75 -41.80 22.20 23.51
N LEU D 76 -41.58 21.33 22.54
CA LEU D 76 -42.40 21.28 21.33
C LEU D 76 -43.47 20.21 21.42
N LYS D 77 -43.61 19.56 22.58
CA LYS D 77 -44.56 18.46 22.67
C LYS D 77 -46.00 18.95 22.59
N GLU D 78 -46.21 20.25 22.76
CA GLU D 78 -47.55 20.83 22.67
C GLU D 78 -48.00 20.96 21.22
N LEU D 79 -47.08 20.76 20.27
CA LEU D 79 -47.27 21.10 18.86
C LEU D 79 -47.42 19.85 18.01
N ASP D 80 -48.03 20.08 16.87
CA ASP D 80 -48.26 19.09 15.83
C ASP D 80 -47.21 19.35 14.78
N ILE D 81 -46.11 18.60 14.84
CA ILE D 81 -44.96 18.87 13.99
C ILE D 81 -44.99 17.89 12.83
N GLU D 82 -45.13 18.41 11.59
CA GLU D 82 -45.15 17.50 10.45
C GLU D 82 -43.78 17.28 9.83
N THR D 83 -42.82 18.18 10.03
CA THR D 83 -41.55 18.10 9.33
C THR D 83 -40.48 18.62 10.26
N LEU D 84 -39.39 17.88 10.42
CA LEU D 84 -38.24 18.39 11.15
C LEU D 84 -37.03 18.43 10.22
N ILE D 85 -36.34 19.55 10.20
CA ILE D 85 -35.23 19.75 9.29
C ILE D 85 -33.98 20.05 10.11
N ASN D 86 -33.06 19.09 10.17
CA ASN D 86 -31.79 19.29 10.85
C ASN D 86 -30.85 20.00 9.88
N ASN D 87 -30.90 21.32 9.88
CA ASN D 87 -30.09 22.10 8.96
C ASN D 87 -28.89 22.75 9.64
N ALA D 88 -29.03 23.20 10.89
CA ALA D 88 -27.90 23.78 11.61
C ALA D 88 -26.68 22.90 11.48
N GLY D 89 -25.54 23.53 11.25
CA GLY D 89 -24.26 22.84 11.18
C GLY D 89 -23.17 23.82 10.84
N VAL D 90 -21.92 23.41 11.10
CA VAL D 90 -20.79 24.32 11.05
C VAL D 90 -19.59 23.59 10.49
N GLY D 91 -18.72 24.33 9.79
CA GLY D 91 -17.60 23.76 9.08
C GLY D 91 -16.26 24.27 9.61
N ASP D 92 -15.19 23.62 9.13
CA ASP D 92 -13.84 24.02 9.48
C ASP D 92 -12.89 23.72 8.31
N PHE D 93 -11.94 24.63 8.05
CA PHE D 93 -10.88 24.39 7.07
C PHE D 93 -9.55 24.42 7.79
N ASP D 94 -8.87 23.28 7.85
CA ASP D 94 -7.61 23.20 8.59
C ASP D 94 -7.06 21.78 8.51
N LEU D 95 -5.74 21.64 8.48
CA LEU D 95 -5.15 20.33 8.68
C LEU D 95 -5.61 19.82 10.05
N VAL D 96 -5.75 18.48 10.17
CA VAL D 96 -6.12 17.93 11.48
C VAL D 96 -5.06 18.27 12.52
N GLN D 97 -3.78 18.27 12.13
CA GLN D 97 -2.73 18.66 13.07
C GLN D 97 -2.87 20.11 13.56
N ASP D 98 -3.74 20.93 12.93
CA ASP D 98 -3.82 22.35 13.23
C ASP D 98 -5.16 22.74 13.84
N ILE D 99 -6.09 21.81 14.04
CA ILE D 99 -7.41 22.25 14.43
C ILE D 99 -7.41 22.85 15.82
N GLU D 100 -8.54 23.42 16.18
CA GLU D 100 -8.78 23.98 17.50
C GLU D 100 -9.84 23.10 18.18
N LEU D 101 -9.39 22.23 19.09
CA LEU D 101 -10.24 21.14 19.55
C LEU D 101 -11.58 21.65 20.09
N GLY D 102 -11.56 22.76 20.85
CA GLY D 102 -12.80 23.33 21.34
C GLY D 102 -13.76 23.72 20.23
N LYS D 103 -13.22 24.21 19.10
CA LYS D 103 -14.09 24.48 17.96
C LYS D 103 -14.59 23.18 17.36
N ILE D 104 -13.67 22.22 17.15
CA ILE D 104 -14.03 20.95 16.53
C ILE D 104 -14.96 20.16 17.43
N GLU D 105 -14.75 20.22 18.76
CA GLU D 105 -15.61 19.46 19.67
C GLU D 105 -17.04 19.99 19.62
N LYS D 106 -17.18 21.29 19.46
CA LYS D 106 -18.51 21.89 19.29
C LYS D 106 -19.07 21.53 17.94
N MET D 107 -18.21 21.40 16.93
CA MET D 107 -18.70 21.01 15.61
C MET D 107 -19.30 19.62 15.67
N LEU D 108 -18.64 18.69 16.37
CA LEU D 108 -19.25 17.39 16.57
C LEU D 108 -20.58 17.52 17.29
N ARG D 109 -20.64 18.32 18.38
CA ARG D 109 -21.89 18.38 19.15
C ARG D 109 -23.06 18.92 18.33
N LEU D 110 -22.78 19.71 17.30
CA LEU D 110 -23.85 20.29 16.51
C LEU D 110 -24.15 19.45 15.25
N ASN D 111 -23.11 19.13 14.47
CA ASN D 111 -23.35 18.44 13.20
C ASN D 111 -23.82 17.02 13.43
N ILE D 112 -23.40 16.39 14.54
CA ILE D 112 -23.68 14.97 14.76
C ILE D 112 -24.73 14.80 15.85
N GLU D 113 -24.37 15.17 17.09
CA GLU D 113 -25.23 14.87 18.25
C GLU D 113 -26.61 15.52 18.15
N ALA D 114 -26.64 16.84 17.93
CA ALA D 114 -27.92 17.54 17.85
C ALA D 114 -28.79 16.90 16.78
N LEU D 115 -28.24 16.72 15.58
CA LEU D 115 -28.98 16.07 14.51
C LEU D 115 -29.44 14.67 14.92
N THR D 116 -28.59 13.94 15.66
CA THR D 116 -28.95 12.60 16.11
C THR D 116 -29.99 12.63 17.22
N ILE D 117 -29.90 13.59 18.15
CA ILE D 117 -30.92 13.63 19.20
C ILE D 117 -32.28 13.97 18.62
N LEU D 118 -32.35 15.05 17.83
CA LEU D 118 -33.62 15.48 17.25
C LEU D 118 -34.18 14.42 16.32
N SER D 119 -33.33 13.76 15.52
CA SER D 119 -33.80 12.72 14.62
C SER D 119 -34.40 11.56 15.40
N SER D 120 -33.72 11.13 16.48
CA SER D 120 -34.17 9.96 17.21
C SER D 120 -35.46 10.24 17.96
N LEU D 121 -35.55 11.42 18.57
CA LEU D 121 -36.77 11.76 19.28
C LEU D 121 -37.91 11.96 18.31
N PHE D 122 -37.65 12.67 17.20
CA PHE D 122 -38.68 12.80 16.18
C PHE D 122 -39.15 11.42 15.72
N ALA D 123 -38.20 10.50 15.49
CA ALA D 123 -38.55 9.19 14.96
C ALA D 123 -39.36 8.39 15.97
N ARG D 124 -39.07 8.55 17.25
CA ARG D 124 -39.81 7.81 18.26
C ARG D 124 -41.30 8.18 18.23
N ASP D 125 -41.62 9.48 18.29
CA ASP D 125 -43.01 9.93 18.36
C ASP D 125 -43.74 9.96 17.04
N HIS D 126 -43.04 9.92 15.91
CA HIS D 126 -43.70 10.19 14.65
C HIS D 126 -43.58 9.07 13.63
N HIS D 127 -43.04 7.90 13.99
CA HIS D 127 -42.76 6.93 12.93
C HIS D 127 -44.03 6.39 12.34
N ASP D 128 -45.06 6.20 13.15
CA ASP D 128 -46.37 5.72 12.70
C ASP D 128 -47.40 6.85 12.55
N ILE D 129 -46.96 8.06 12.18
CA ILE D 129 -47.86 9.21 12.07
C ILE D 129 -47.84 9.75 10.63
N GLU D 130 -49.01 9.80 10.03
CA GLU D 130 -49.10 10.05 8.60
C GLU D 130 -48.52 11.42 8.22
N GLY D 131 -47.92 11.51 7.05
CA GLY D 131 -47.52 12.81 6.54
C GLY D 131 -46.31 13.45 7.20
N THR D 132 -45.54 12.71 8.00
CA THR D 132 -44.37 13.29 8.64
C THR D 132 -43.14 13.14 7.74
N THR D 133 -42.17 14.05 7.94
CA THR D 133 -40.91 14.00 7.18
C THR D 133 -39.77 14.51 8.03
N LEU D 134 -38.65 13.78 7.98
CA LEU D 134 -37.40 14.18 8.60
C LEU D 134 -36.38 14.40 7.48
N VAL D 135 -35.76 15.59 7.44
CA VAL D 135 -34.80 15.94 6.40
C VAL D 135 -33.53 16.36 7.11
N ASN D 136 -32.46 15.59 6.98
CA ASN D 136 -31.16 15.96 7.51
C ASN D 136 -30.27 16.50 6.41
N ILE D 137 -29.56 17.58 6.73
CA ILE D 137 -28.69 18.23 5.76
C ILE D 137 -27.29 17.67 5.99
N SER D 138 -26.77 17.00 4.98
CA SER D 138 -25.35 16.58 4.95
C SER D 138 -24.65 17.43 3.92
N SER D 139 -23.84 16.87 3.00
CA SER D 139 -23.17 17.66 1.98
C SER D 139 -22.65 16.70 0.94
N LEU D 140 -22.36 17.24 -0.25
CA LEU D 140 -21.48 16.53 -1.17
C LEU D 140 -20.23 16.01 -0.44
N GLY D 141 -19.66 16.82 0.45
CA GLY D 141 -18.50 16.40 1.23
C GLY D 141 -18.82 15.38 2.32
N GLY D 142 -20.06 14.88 2.38
CA GLY D 142 -20.31 13.71 3.20
C GLY D 142 -20.46 12.43 2.39
N TYR D 143 -20.24 12.53 1.09
CA TYR D 143 -20.12 11.39 0.21
C TYR D 143 -18.76 11.35 -0.45
N MET D 144 -17.98 12.42 -0.30
CA MET D 144 -16.70 12.62 -0.97
C MET D 144 -15.83 13.46 -0.06
N ILE D 145 -14.63 12.96 0.25
CA ILE D 145 -13.77 13.61 1.24
C ILE D 145 -13.01 14.75 0.56
N VAL D 146 -12.94 15.90 1.23
CA VAL D 146 -12.41 17.10 0.61
C VAL D 146 -11.19 17.55 1.40
N PRO D 147 -10.00 17.58 0.77
CA PRO D 147 -8.78 18.01 1.47
C PRO D 147 -9.00 19.27 2.30
N ASN D 148 -8.43 19.28 3.51
CA ASN D 148 -8.35 20.45 4.40
C ASN D 148 -9.67 20.65 5.12
N ALA D 149 -10.61 19.72 4.96
CA ALA D 149 -11.87 19.72 5.71
C ALA D 149 -12.21 18.26 6.04
N VAL D 150 -11.24 17.55 6.60
CA VAL D 150 -11.38 16.14 6.92
C VAL D 150 -12.44 15.94 8.00
N THR D 151 -12.30 16.64 9.13
CA THR D 151 -13.16 16.44 10.28
C THR D 151 -14.61 16.78 9.94
N TYR D 152 -14.82 17.93 9.28
CA TYR D 152 -16.16 18.32 8.87
C TYR D 152 -16.79 17.30 7.91
N CYS D 153 -16.05 16.89 6.87
CA CYS D 153 -16.50 15.84 5.96
C CYS D 153 -16.90 14.59 6.73
N ALA D 154 -16.12 14.20 7.72
CA ALA D 154 -16.48 13.02 8.51
C ALA D 154 -17.83 13.22 9.22
N THR D 155 -18.07 14.43 9.78
CA THR D 155 -19.38 14.68 10.35
C THR D 155 -20.46 14.52 9.29
N LYS D 156 -20.16 14.87 8.05
CA LYS D 156 -21.18 14.75 7.04
C LYS D 156 -21.31 13.32 6.54
N PHE D 157 -20.24 12.50 6.57
CA PHE D 157 -20.44 11.08 6.29
C PHE D 157 -21.32 10.44 7.35
N TYR D 158 -21.20 10.90 8.60
CA TYR D 158 -22.09 10.38 9.62
C TYR D 158 -23.53 10.71 9.26
N VAL D 159 -23.78 11.97 8.87
CA VAL D 159 -25.14 12.40 8.58
C VAL D 159 -25.71 11.58 7.42
N SER D 160 -24.94 11.41 6.35
CA SER D 160 -25.41 10.63 5.20
C SER D 160 -25.66 9.18 5.57
N ALA D 161 -24.68 8.55 6.20
CA ALA D 161 -24.88 7.16 6.59
C ALA D 161 -26.07 7.05 7.53
N TYR D 162 -26.14 7.93 8.54
CA TYR D 162 -27.20 7.82 9.54
C TYR D 162 -28.56 7.94 8.88
N THR D 163 -28.71 8.89 7.96
CA THR D 163 -30.01 9.17 7.37
C THR D 163 -30.38 8.13 6.30
N GLU D 164 -29.43 7.75 5.44
CA GLU D 164 -29.64 6.61 4.56
C GLU D 164 -29.98 5.34 5.33
N GLY D 165 -29.34 5.12 6.48
CA GLY D 165 -29.74 3.99 7.29
C GLY D 165 -31.13 4.18 7.87
N LEU D 166 -31.41 5.37 8.41
CA LEU D 166 -32.68 5.60 9.07
C LEU D 166 -33.83 5.57 8.06
N ALA D 167 -33.59 6.11 6.85
CA ALA D 167 -34.58 6.08 5.79
C ALA D 167 -34.96 4.66 5.44
N GLN D 168 -33.96 3.83 5.14
CA GLN D 168 -34.22 2.45 4.78
C GLN D 168 -34.81 1.67 5.95
N GLU D 169 -34.42 2.00 7.18
CA GLU D 169 -35.06 1.37 8.33
C GLU D 169 -36.57 1.65 8.33
N LEU D 170 -36.96 2.90 8.08
CA LEU D 170 -38.37 3.25 8.16
C LEU D 170 -39.16 2.54 7.06
N GLN D 171 -38.57 2.41 5.87
CA GLN D 171 -39.24 1.79 4.72
C GLN D 171 -39.38 0.28 4.91
N LYS D 172 -38.26 -0.42 5.15
CA LYS D 172 -38.36 -1.82 5.57
C LYS D 172 -39.30 -1.98 6.75
N GLY D 173 -39.41 -0.98 7.60
CA GLY D 173 -40.39 -1.18 8.67
C GLY D 173 -41.82 -0.80 8.35
N GLY D 174 -42.11 -0.42 7.11
CA GLY D 174 -43.44 0.08 6.83
C GLY D 174 -43.81 1.34 7.58
N ALA D 175 -42.85 2.22 7.84
CA ALA D 175 -43.23 3.39 8.61
C ALA D 175 -44.03 4.39 7.74
N LYS D 176 -44.66 5.33 8.45
CA LYS D 176 -45.32 6.46 7.79
C LYS D 176 -44.35 7.63 7.63
N LEU D 177 -43.50 7.85 8.65
CA LEU D 177 -42.38 8.78 8.62
C LEU D 177 -41.48 8.52 7.43
N ARG D 178 -41.17 9.56 6.66
CA ARG D 178 -40.14 9.48 5.64
C ARG D 178 -38.93 10.29 6.10
N ALA D 179 -37.74 9.73 5.88
CA ALA D 179 -36.47 10.34 6.24
C ALA D 179 -35.68 10.58 4.96
N LYS D 180 -35.19 11.81 4.79
CA LYS D 180 -34.48 12.25 3.59
C LYS D 180 -33.21 13.03 3.95
N VAL D 181 -32.17 12.93 3.12
CA VAL D 181 -30.90 13.61 3.34
C VAL D 181 -30.58 14.51 2.14
N LEU D 182 -30.21 15.74 2.42
CA LEU D 182 -29.87 16.70 1.39
C LEU D 182 -28.35 16.84 1.35
N ALA D 183 -27.78 16.87 0.16
CA ALA D 183 -26.33 16.98 0.01
C ALA D 183 -26.00 18.11 -0.95
N PRO D 184 -25.99 19.35 -0.46
CA PRO D 184 -25.65 20.47 -1.33
C PRO D 184 -24.19 20.37 -1.74
N ALA D 185 -23.82 21.09 -2.81
CA ALA D 185 -22.41 21.32 -3.08
C ALA D 185 -22.16 22.74 -2.62
N ALA D 186 -21.24 23.46 -3.25
CA ALA D 186 -21.08 24.89 -2.95
C ALA D 186 -22.40 25.64 -3.02
N THR D 187 -22.81 26.25 -1.89
CA THR D 187 -24.02 27.05 -1.77
C THR D 187 -23.72 28.42 -1.15
N GLU D 188 -24.10 29.52 -1.84
CA GLU D 188 -23.73 30.87 -1.38
C GLU D 188 -24.33 31.27 -0.03
N THR D 189 -23.59 31.04 1.06
CA THR D 189 -24.09 31.30 2.40
C THR D 189 -22.97 31.92 3.21
N GLU D 190 -23.25 32.14 4.50
CA GLU D 190 -22.24 32.54 5.46
C GLU D 190 -21.32 31.38 5.84
N PHE D 191 -21.51 30.20 5.25
CA PHE D 191 -20.90 29.00 5.80
C PHE D 191 -19.39 29.04 5.65
N VAL D 192 -18.90 29.55 4.50
CA VAL D 192 -17.46 29.58 4.31
C VAL D 192 -16.85 30.59 5.28
N ASP D 193 -17.48 31.75 5.42
CA ASP D 193 -16.97 32.77 6.32
C ASP D 193 -16.85 32.24 7.75
N ARG D 194 -17.89 31.57 8.22
CA ARG D 194 -17.91 31.05 9.61
C ARG D 194 -16.91 29.89 9.77
N ALA D 195 -16.62 29.15 8.70
CA ALA D 195 -15.71 28.02 8.85
C ALA D 195 -14.26 28.49 8.95
N ARG D 196 -13.82 29.31 7.99
CA ARG D 196 -12.47 29.87 8.00
C ARG D 196 -12.28 30.99 9.01
N GLY D 197 -13.35 31.47 9.66
CA GLY D 197 -13.15 32.44 10.72
C GLY D 197 -13.17 33.90 10.32
N GLU D 198 -13.20 34.23 9.03
CA GLU D 198 -13.09 35.63 8.61
C GLU D 198 -14.08 35.93 7.50
N ALA D 199 -14.61 37.15 7.48
CA ALA D 199 -15.71 37.38 6.55
C ALA D 199 -15.21 37.79 5.16
N GLY D 200 -16.13 37.73 4.19
CA GLY D 200 -15.88 38.32 2.89
C GLY D 200 -15.50 37.35 1.79
N PHE D 201 -15.57 36.05 2.03
CA PHE D 201 -15.36 35.11 0.94
C PHE D 201 -16.38 35.40 -0.14
N ASP D 202 -15.92 35.51 -1.39
CA ASP D 202 -16.80 35.88 -2.51
C ASP D 202 -16.93 34.72 -3.50
N PHE D 203 -18.03 33.98 -3.38
CA PHE D 203 -18.35 32.89 -4.29
C PHE D 203 -18.19 33.33 -5.74
N SER D 204 -18.82 34.45 -6.11
CA SER D 204 -18.86 34.85 -7.52
C SER D 204 -17.45 35.06 -8.06
N LYS D 205 -16.54 35.58 -7.25
CA LYS D 205 -15.16 35.72 -7.70
C LYS D 205 -14.34 34.44 -7.52
N ALA D 206 -14.61 33.66 -6.47
CA ALA D 206 -13.70 32.56 -6.13
C ALA D 206 -14.17 31.17 -6.57
N VAL D 207 -15.49 30.98 -6.80
CA VAL D 207 -16.07 29.66 -7.02
C VAL D 207 -16.70 29.66 -8.41
N LYS D 208 -16.50 28.58 -9.17
CA LYS D 208 -16.88 28.58 -10.57
C LYS D 208 -18.31 28.11 -10.76
N LYS D 209 -18.77 27.20 -9.91
CA LYS D 209 -20.15 26.74 -9.99
C LYS D 209 -20.67 26.63 -8.57
N TYR D 210 -21.83 27.24 -8.32
CA TYR D 210 -22.46 27.24 -7.00
C TYR D 210 -23.92 27.62 -7.16
N HIS D 211 -24.74 27.15 -6.21
CA HIS D 211 -26.15 27.46 -6.10
C HIS D 211 -26.39 28.54 -5.04
N THR D 212 -27.46 29.30 -5.22
CA THR D 212 -27.79 30.29 -4.21
C THR D 212 -28.53 29.59 -3.08
N ALA D 213 -28.66 30.28 -1.94
CA ALA D 213 -29.48 29.72 -0.87
C ALA D 213 -30.91 29.51 -1.34
N ALA D 214 -31.45 30.46 -2.12
CA ALA D 214 -32.84 30.34 -2.53
C ALA D 214 -32.99 29.15 -3.46
N GLU D 215 -32.01 28.92 -4.35
CA GLU D 215 -32.07 27.70 -5.16
C GLU D 215 -32.05 26.46 -4.27
N MET D 216 -31.12 26.43 -3.29
CA MET D 216 -31.00 25.25 -2.45
C MET D 216 -32.28 24.99 -1.66
N ALA D 217 -32.95 26.04 -1.20
CA ALA D 217 -34.24 25.81 -0.52
C ALA D 217 -35.24 25.17 -1.48
N GLY D 218 -35.18 25.53 -2.76
CA GLY D 218 -35.98 24.85 -3.76
C GLY D 218 -35.63 23.38 -3.87
N PHE D 219 -34.34 23.06 -3.97
CA PHE D 219 -33.95 21.65 -4.01
C PHE D 219 -34.44 20.92 -2.77
N LEU D 220 -34.23 21.52 -1.57
CA LEU D 220 -34.75 20.93 -0.35
C LEU D 220 -36.22 20.60 -0.52
N HIS D 221 -37.01 21.57 -0.98
CA HIS D 221 -38.45 21.35 -1.10
C HIS D 221 -38.75 20.21 -2.08
N GLN D 222 -38.11 20.22 -3.26
CA GLN D 222 -38.31 19.10 -4.17
C GLN D 222 -38.05 17.76 -3.48
N LEU D 223 -37.02 17.70 -2.63
CA LEU D 223 -36.66 16.43 -1.98
C LEU D 223 -37.77 15.94 -1.07
N ILE D 224 -38.34 16.88 -0.30
CA ILE D 224 -39.51 16.57 0.53
C ILE D 224 -40.65 15.99 -0.31
N GLU D 225 -40.87 16.54 -1.50
CA GLU D 225 -42.04 16.22 -2.32
C GLU D 225 -41.83 15.01 -3.22
N SER D 226 -41.05 14.02 -2.78
CA SER D 226 -40.55 13.01 -3.69
C SER D 226 -40.44 11.67 -2.97
N ASP D 227 -40.27 10.62 -3.77
CA ASP D 227 -39.99 9.30 -3.23
C ASP D 227 -38.53 9.08 -2.92
N ALA D 228 -37.67 10.06 -3.23
CA ALA D 228 -36.22 9.87 -3.20
C ALA D 228 -35.70 10.03 -1.77
N ILE D 229 -34.80 9.13 -1.35
CA ILE D 229 -34.20 9.30 -0.04
C ILE D 229 -33.13 10.39 -0.07
N VAL D 230 -32.42 10.55 -1.18
CA VAL D 230 -31.27 11.46 -1.30
C VAL D 230 -31.53 12.54 -2.34
N GLY D 231 -31.20 13.78 -2.02
CA GLY D 231 -31.11 14.84 -2.99
C GLY D 231 -29.70 15.37 -2.95
N ILE D 232 -28.99 15.33 -4.07
CA ILE D 232 -27.55 15.52 -4.08
C ILE D 232 -27.18 16.36 -5.28
N VAL D 233 -26.31 17.36 -5.07
CA VAL D 233 -25.74 18.09 -6.19
C VAL D 233 -24.51 17.32 -6.70
N ASP D 234 -24.50 17.03 -8.01
CA ASP D 234 -23.34 16.39 -8.62
C ASP D 234 -22.17 17.37 -8.69
N GLY D 235 -21.01 16.94 -8.18
CA GLY D 235 -19.87 17.85 -8.15
C GLY D 235 -19.34 18.25 -9.51
N GLU D 236 -19.58 17.44 -10.54
CA GLU D 236 -19.02 17.71 -11.85
C GLU D 236 -19.95 18.48 -12.77
N THR D 237 -21.27 18.16 -12.76
CA THR D 237 -22.30 18.87 -13.52
C THR D 237 -23.00 19.97 -12.74
N TYR D 238 -23.04 19.88 -11.40
CA TYR D 238 -23.83 20.73 -10.50
C TYR D 238 -25.34 20.64 -10.75
N GLU D 239 -25.78 19.54 -11.35
CA GLU D 239 -27.19 19.25 -11.46
C GLU D 239 -27.65 18.79 -10.09
N PHE D 240 -28.93 19.00 -9.78
CA PHE D 240 -29.54 18.47 -8.57
C PHE D 240 -30.18 17.14 -8.94
N GLU D 241 -29.88 16.10 -8.17
CA GLU D 241 -30.33 14.75 -8.46
C GLU D 241 -31.14 14.17 -7.30
N LEU D 242 -32.35 13.72 -7.59
CA LEU D 242 -33.15 13.02 -6.60
C LEU D 242 -32.89 11.54 -6.86
N ARG D 243 -32.42 10.82 -5.84
CA ARG D 243 -31.98 9.44 -6.10
C ARG D 243 -31.93 8.66 -4.78
N GLY D 244 -31.57 7.38 -4.89
CA GLY D 244 -31.56 6.49 -3.74
C GLY D 244 -30.23 6.53 -3.04
N PRO D 245 -30.09 5.67 -2.03
CA PRO D 245 -28.91 5.73 -1.17
C PRO D 245 -27.63 5.49 -1.97
N LEU D 246 -26.54 6.12 -1.51
CA LEU D 246 -25.25 5.93 -2.18
C LEU D 246 -24.38 4.86 -1.52
N PHE D 247 -24.67 4.47 -0.28
CA PHE D 247 -23.79 3.58 0.45
C PHE D 247 -24.34 2.16 0.43
N ASN D 248 -23.47 1.19 0.69
CA ASN D 248 -23.92 -0.18 0.73
C ASN D 248 -24.86 -0.39 1.91
N TYR D 249 -26.00 -1.04 1.64
CA TYR D 249 -26.96 -1.41 2.67
C TYR D 249 -26.93 -2.93 2.78
N ALA D 250 -26.74 -3.44 4.00
CA ALA D 250 -26.52 -4.86 4.15
C ALA D 250 -27.82 -5.65 4.21
N GLY D 251 -28.97 -4.99 4.29
CA GLY D 251 -30.24 -5.64 4.19
C GLY D 251 -30.90 -5.39 2.85
PA NAP E . 12.82 -25.92 -1.93
O1A NAP E . 12.00 -26.57 -0.86
O2A NAP E . 14.08 -26.58 -2.36
O5B NAP E . 11.90 -25.67 -3.20
C5B NAP E . 12.43 -25.33 -4.50
C4B NAP E . 11.40 -25.76 -5.52
O4B NAP E . 11.87 -25.51 -6.87
C3B NAP E . 11.04 -27.25 -5.47
O3B NAP E . 9.63 -27.39 -5.66
C2B NAP E . 11.74 -27.81 -6.70
O2B NAP E . 10.97 -28.96 -7.05
C1B NAP E . 11.59 -26.64 -7.66
N9A NAP E . 12.58 -26.66 -8.74
C8A NAP E . 13.94 -26.65 -8.59
N7A NAP E . 14.59 -26.67 -9.72
C5A NAP E . 13.60 -26.69 -10.69
C6A NAP E . 13.66 -26.71 -12.11
N6A NAP E . 14.79 -26.73 -12.80
N1A NAP E . 12.48 -26.73 -12.77
C2A NAP E . 11.34 -26.71 -12.07
N3A NAP E . 11.17 -26.69 -10.75
C4A NAP E . 12.35 -26.68 -10.10
O3 NAP E . 13.16 -24.44 -1.44
PN NAP E . 12.35 -23.12 -1.05
O1N NAP E . 13.05 -22.46 0.09
O2N NAP E . 10.89 -23.41 -0.92
O5D NAP E . 12.59 -22.25 -2.37
C5D NAP E . 11.48 -21.63 -3.03
C4D NAP E . 11.87 -20.21 -3.37
O4D NAP E . 12.19 -19.52 -2.13
C3D NAP E . 13.12 -20.03 -4.24
O3D NAP E . 12.90 -18.95 -5.13
C2D NAP E . 14.17 -19.65 -3.19
O2D NAP E . 15.34 -19.06 -3.75
C1D NAP E . 13.32 -18.71 -2.35
N1N NAP E . 13.90 -18.36 -1.03
C2N NAP E . 14.16 -19.33 -0.10
C3N NAP E . 14.54 -18.99 1.19
C7N NAP E . 14.78 -20.03 2.25
O7N NAP E . 15.39 -19.71 3.26
N7N NAP E . 14.30 -21.25 2.06
C4N NAP E . 14.71 -17.64 1.51
C5N NAP E . 14.53 -16.68 0.54
C6N NAP E . 14.10 -17.06 -0.71
P2B NAP E . 11.65 -29.97 -8.09
O1X NAP E . 11.51 -29.33 -9.45
O2X NAP E . 13.10 -30.13 -7.66
O3X NAP E . 10.88 -31.26 -7.97
PA NAP F . 27.68 -0.20 -28.19
O1A NAP F . 28.35 0.87 -28.98
O2A NAP F . 26.38 -0.73 -28.71
O5B NAP F . 28.68 -1.43 -28.02
C5B NAP F . 28.20 -2.69 -27.52
C4B NAP F . 29.29 -3.70 -27.72
O4B NAP F . 28.80 -5.03 -27.39
C3B NAP F . 29.81 -3.79 -29.17
O3B NAP F . 31.21 -4.00 -29.24
C2B NAP F . 29.11 -5.04 -29.67
O2B NAP F . 29.86 -5.49 -30.80
C1B NAP F . 29.20 -5.89 -28.41
N9A NAP F . 28.29 -7.02 -28.46
C8A NAP F . 26.92 -6.93 -28.55
N7A NAP F . 26.33 -8.09 -28.60
C5A NAP F . 27.37 -9.00 -28.56
C6A NAP F . 27.38 -10.41 -28.61
N6A NAP F . 26.27 -11.14 -28.71
N1A NAP F . 28.58 -11.02 -28.57
C2A NAP F . 29.69 -10.26 -28.46
N3A NAP F . 29.79 -8.94 -28.42
C4A NAP F . 28.59 -8.36 -28.48
O3 NAP F . 27.48 0.34 -26.69
PN NAP F . 28.32 0.75 -25.37
O1N NAP F . 27.65 1.90 -24.72
O2N NAP F . 29.78 0.89 -25.64
O5D NAP F . 28.07 -0.56 -24.49
C5D NAP F . 29.12 -1.07 -23.66
C4D NAP F . 28.55 -1.35 -22.29
O4D NAP F . 28.15 -0.08 -21.71
C3D NAP F . 27.30 -2.23 -22.21
O3D NAP F . 27.50 -3.18 -21.18
C2D NAP F . 26.22 -1.23 -21.77
O2D NAP F . 25.12 -1.79 -21.07
C1D NAP F . 27.05 -0.31 -20.87
N1N NAP F . 26.40 1.01 -20.63
C2N NAP F . 26.20 1.88 -21.67
C3N NAP F . 25.64 3.13 -21.42
C7N NAP F . 25.43 4.12 -22.53
O7N NAP F . 24.78 5.13 -22.28
N7N NAP F . 25.96 3.87 -23.72
C4N NAP F . 25.24 3.44 -20.13
C5N NAP F . 25.47 2.56 -19.10
C6N NAP F . 26.09 1.36 -19.37
P2B NAP F . 29.25 -6.55 -31.87
O1X NAP F . 29.28 -7.93 -31.28
O2X NAP F . 27.86 -6.10 -32.22
O3X NAP F . 30.21 -6.40 -33.02
PA NAP G . -15.25 -5.39 23.73
O1A NAP G . -14.71 -6.76 23.96
O2A NAP G . -16.56 -5.07 24.36
O5B NAP G . -14.18 -4.31 24.20
C5B NAP G . -14.49 -2.90 24.08
C4B NAP G . -13.51 -2.15 24.95
O4B NAP G . -13.94 -0.79 25.15
C3B NAP G . -13.32 -2.74 26.35
O3B NAP G . -11.93 -2.83 26.62
C2B NAP G . -14.02 -1.71 27.24
O2B NAP G . -13.40 -1.87 28.52
C1B NAP G . -13.69 -0.43 26.49
N9A NAP G . -14.56 0.70 26.79
C8A NAP G . -15.91 0.75 26.57
N7A NAP G . -16.46 1.89 26.91
C5A NAP G . -15.39 2.66 27.35
C6A NAP G . -15.32 3.98 27.83
N6A NAP G . -16.39 4.77 27.97
N1A NAP G . -14.10 4.46 28.18
C2A NAP G . -13.04 3.66 28.04
N3A NAP G . -12.99 2.39 27.61
C4A NAP G . -14.21 1.95 27.27
O3 NAP G . -15.35 -5.12 22.15
PN NAP G . -14.37 -5.33 20.89
O1N NAP G . -15.19 -5.48 19.66
O2N NAP G . -13.41 -6.43 21.18
O5D NAP G . -13.56 -3.95 20.84
C5D NAP G . -14.28 -2.72 20.60
C4D NAP G . -14.12 -2.29 19.16
O4D NAP G . -14.47 -3.36 18.27
C3D NAP G . -15.03 -1.13 18.72
O3D NAP G . -14.29 0.09 18.78
C2D NAP G . -15.46 -1.53 17.30
O2D NAP G . -15.07 -0.50 16.40
C1D NAP G . -14.67 -2.81 16.98
N1N NAP G . -15.45 -3.81 16.18
C2N NAP G . -16.05 -4.87 16.81
C3N NAP G . -16.52 -5.93 16.06
C7N NAP G . -16.80 -7.27 16.70
O7N NAP G . -17.46 -8.09 16.08
N7N NAP G . -16.31 -7.50 17.91
C4N NAP G . -16.73 -5.76 14.70
C5N NAP G . -16.23 -4.64 14.08
C6N NAP G . -15.54 -3.71 14.83
P2B NAP G . -14.14 -1.24 29.81
O1X NAP G . -13.96 0.27 29.72
O2X NAP G . -15.59 -1.67 29.72
O3X NAP G . -13.44 -1.83 31.02
PA NAP H . -24.85 29.46 7.49
O1A NAP H . -25.38 30.68 6.80
O2A NAP H . -23.61 29.59 8.30
O5B NAP H . -25.99 28.86 8.41
C5B NAP H . -25.68 27.95 9.49
C4B NAP H . -26.86 27.97 10.42
O4B NAP H . -26.58 27.23 11.62
C3B NAP H . -27.28 29.37 10.89
O3B NAP H . -28.70 29.50 10.88
C2B NAP H . -26.71 29.43 12.31
O2B NAP H . -27.39 30.44 13.05
C1B NAP H . -26.98 27.98 12.74
N9A NAP H . -26.17 27.55 13.86
C8A NAP H . -24.80 27.51 13.90
N7A NAP H . -24.34 27.07 15.05
C5A NAP H . -25.45 26.82 15.80
C6A NAP H . -25.62 26.33 17.11
N6A NAP H . -24.59 26.03 17.91
N1A NAP H . -26.88 26.19 17.57
C2A NAP H . -27.90 26.50 16.76
N3A NAP H . -27.87 26.97 15.52
C4A NAP H . -26.61 27.11 15.09
O3 NAP H . -24.66 28.29 6.38
PN NAP H . -25.53 27.22 5.54
O1N NAP H . -24.82 26.92 4.27
O2N NAP H . -26.97 27.62 5.42
O5D NAP H . -25.44 25.95 6.49
C5D NAP H . -26.60 25.11 6.59
C4D NAP H . -26.20 23.67 6.38
O4D NAP H . -25.66 23.56 5.05
C3D NAP H . -25.10 23.10 7.28
O3D NAP H . -25.49 21.80 7.71
C2D NAP H . -23.93 22.93 6.30
O2D NAP H . -22.98 21.93 6.67
C1D NAP H . -24.72 22.53 5.06
N1N NAP H . -23.94 22.62 3.80
C2N NAP H . -23.53 23.85 3.35
C3N NAP H . -22.88 23.95 2.13
C7N NAP H . -22.49 25.29 1.58
O7N NAP H . -21.83 25.33 0.55
N7N NAP H . -22.89 26.39 2.21
C4N NAP H . -22.55 22.80 1.45
C5N NAP H . -23.01 21.58 1.90
C6N NAP H . -23.70 21.51 3.08
P2B NAP H . -26.72 31.09 14.37
O1X NAP H . -27.03 30.19 15.55
O2X NAP H . -25.24 31.27 14.16
O3X NAP H . -27.43 32.39 14.47
#